data_5DIH
#
_entry.id   5DIH
#
_cell.length_a   69.628
_cell.length_b   66.378
_cell.length_c   122.251
_cell.angle_alpha   90.00
_cell.angle_beta   92.40
_cell.angle_gamma   90.00
#
_symmetry.space_group_name_H-M   'P 1 21 1'
#
loop_
_entity.id
_entity.type
_entity.pdbx_description
1 polymer 'Microcompartments protein'
2 water water
#
_entity_poly.entity_id   1
_entity_poly.type   'polypeptide(L)'
_entity_poly.pdbx_seq_one_letter_code
;MDHAPERFDATPPAGEPDRPALGVLELTSIARGITVADAALKRAPSLLLMSRPVSSGKHLLMMRGQVAEVEESMIAAREI
AGAGSGALLDELELPYAHEQLWRFLDAPVVADAWEEDTESVIIVETATVCAAIDSADAALKTAPVVLRDMRLAIGIAGKA
FFTLTGELADVEAAAEVVRERCGARLLELACIARPVDELRGRLFF
;
_entity_poly.pdbx_strand_id   A,B,C,D,E,F
#
# COMPACT_ATOMS: atom_id res chain seq x y z
N HIS A 3 19.16 27.62 -12.42
CA HIS A 3 18.15 27.84 -11.40
C HIS A 3 18.76 28.32 -10.09
N ALA A 4 18.11 29.30 -9.46
CA ALA A 4 18.57 29.86 -8.20
C ALA A 4 18.49 28.84 -7.07
N PRO A 5 19.61 28.62 -6.37
CA PRO A 5 19.68 27.68 -5.24
C PRO A 5 18.77 28.07 -4.08
N GLU A 6 18.26 29.29 -4.10
CA GLU A 6 17.41 29.81 -3.03
C GLU A 6 15.94 29.49 -3.27
N ARG A 7 15.67 28.61 -4.24
CA ARG A 7 14.29 28.31 -4.63
C ARG A 7 13.57 27.46 -3.59
N PHE A 8 14.33 26.75 -2.76
CA PHE A 8 13.74 25.91 -1.74
C PHE A 8 13.54 26.66 -0.42
N ASP A 9 14.03 27.89 -0.37
CA ASP A 9 13.91 28.70 0.85
C ASP A 9 12.46 29.03 1.16
N ALA A 10 12.09 28.87 2.42
CA ALA A 10 10.72 29.11 2.87
C ALA A 10 10.30 30.55 2.63
N THR A 11 11.27 31.47 2.71
CA THR A 11 11.00 32.88 2.53
C THR A 11 12.01 33.52 1.57
N PRO A 12 11.54 33.97 0.40
CA PRO A 12 12.39 34.68 -0.56
C PRO A 12 12.70 36.09 -0.08
N PRO A 13 13.79 36.70 -0.59
CA PRO A 13 14.13 38.07 -0.23
C PRO A 13 13.09 39.08 -0.70
N ALA A 14 13.29 40.35 -0.35
CA ALA A 14 12.39 41.41 -0.81
C ALA A 14 12.60 41.66 -2.31
N GLY A 15 11.51 41.67 -3.06
CA GLY A 15 11.57 41.90 -4.49
C GLY A 15 11.19 40.67 -5.29
N GLU A 16 11.20 39.52 -4.63
CA GLU A 16 10.81 38.27 -5.26
C GLU A 16 9.36 37.95 -4.93
N PRO A 17 8.61 37.42 -5.91
CA PRO A 17 7.19 37.12 -5.73
C PRO A 17 6.93 36.06 -4.65
N ASP A 18 5.77 36.14 -4.00
CA ASP A 18 5.40 35.20 -2.96
C ASP A 18 5.00 33.85 -3.55
N ARG A 19 5.64 32.78 -3.07
CA ARG A 19 5.34 31.45 -3.56
C ARG A 19 5.10 30.47 -2.40
N PRO A 20 3.93 30.57 -1.76
CA PRO A 20 3.63 29.76 -0.58
C PRO A 20 3.05 28.39 -0.89
N ALA A 21 2.55 28.20 -2.10
CA ALA A 21 1.91 26.94 -2.48
C ALA A 21 2.92 25.89 -2.94
N LEU A 22 2.59 24.62 -2.74
CA LEU A 22 3.45 23.52 -3.10
C LEU A 22 2.70 22.44 -3.88
N GLY A 23 3.29 21.97 -4.97
CA GLY A 23 2.68 20.92 -5.77
C GLY A 23 3.66 19.82 -6.10
N VAL A 24 3.32 18.58 -5.74
CA VAL A 24 4.22 17.45 -5.94
C VAL A 24 3.57 16.37 -6.80
N LEU A 25 4.34 15.87 -7.77
CA LEU A 25 3.87 14.81 -8.66
C LEU A 25 4.77 13.59 -8.61
N GLU A 26 4.17 12.42 -8.46
CA GLU A 26 4.89 11.16 -8.56
C GLU A 26 4.39 10.37 -9.75
N LEU A 27 5.27 10.15 -10.72
CA LEU A 27 4.88 9.42 -11.93
C LEU A 27 5.70 8.15 -12.09
N THR A 28 5.06 7.11 -12.61
CA THR A 28 5.71 5.82 -12.80
C THR A 28 6.64 5.85 -14.01
N SER A 29 6.51 6.89 -14.83
CA SER A 29 7.35 7.05 -16.01
C SER A 29 8.15 8.35 -15.96
N ILE A 30 9.43 8.26 -16.30
CA ILE A 30 10.31 9.42 -16.26
C ILE A 30 10.17 10.28 -17.52
N ALA A 31 9.95 9.64 -18.66
CA ALA A 31 9.73 10.37 -19.91
C ALA A 31 8.40 11.11 -19.83
N ARG A 32 7.40 10.42 -19.29
CA ARG A 32 6.09 11.02 -19.06
C ARG A 32 6.20 12.20 -18.11
N GLY A 33 7.10 12.07 -17.13
CA GLY A 33 7.34 13.12 -16.16
C GLY A 33 7.81 14.41 -16.80
N ILE A 34 8.66 14.29 -17.81
CA ILE A 34 9.15 15.45 -18.55
C ILE A 34 8.01 16.09 -19.35
N THR A 35 7.18 15.25 -19.97
CA THR A 35 6.03 15.72 -20.74
C THR A 35 5.06 16.49 -19.86
N VAL A 36 4.87 16.03 -18.62
CA VAL A 36 3.95 16.65 -17.68
C VAL A 36 4.46 18.00 -17.19
N ALA A 37 5.76 18.06 -16.91
CA ALA A 37 6.37 19.30 -16.45
C ALA A 37 6.27 20.39 -17.52
N ASP A 38 6.40 19.98 -18.78
CA ASP A 38 6.28 20.90 -19.90
C ASP A 38 4.91 21.58 -19.91
N ALA A 39 3.87 20.79 -19.66
CA ALA A 39 2.51 21.30 -19.65
C ALA A 39 2.26 22.19 -18.43
N ALA A 40 3.05 22.01 -17.39
CA ALA A 40 2.89 22.76 -16.16
C ALA A 40 3.32 24.22 -16.32
N LEU A 41 4.53 24.41 -16.83
CA LEU A 41 5.08 25.75 -16.99
C LEU A 41 4.43 26.49 -18.15
N LYS A 42 3.94 25.74 -19.14
CA LYS A 42 3.24 26.35 -20.27
C LYS A 42 1.87 26.85 -19.85
N ARG A 43 1.19 26.07 -19.01
CA ARG A 43 -0.14 26.45 -18.52
C ARG A 43 -0.06 27.65 -17.59
N ALA A 44 0.76 27.54 -16.55
CA ALA A 44 0.89 28.62 -15.57
C ALA A 44 2.37 28.85 -15.22
N PRO A 45 2.70 30.09 -14.83
CA PRO A 45 4.09 30.42 -14.49
C PRO A 45 4.49 29.98 -13.08
N SER A 46 4.51 28.68 -12.85
CA SER A 46 4.97 28.15 -11.56
C SER A 46 6.46 27.85 -11.61
N LEU A 47 7.13 28.01 -10.47
CA LEU A 47 8.56 27.78 -10.38
C LEU A 47 8.85 26.30 -10.14
N LEU A 48 9.43 25.64 -11.15
CA LEU A 48 9.74 24.22 -11.05
C LEU A 48 10.91 23.98 -10.10
N LEU A 49 10.67 23.24 -9.03
CA LEU A 49 11.68 22.99 -8.01
C LEU A 49 12.64 21.87 -8.40
N MET A 50 12.11 20.81 -9.01
CA MET A 50 12.93 19.68 -9.40
C MET A 50 12.28 18.80 -10.47
N SER A 51 13.11 18.28 -11.35
CA SER A 51 12.71 17.27 -12.32
C SER A 51 13.61 16.07 -12.12
N ARG A 52 13.26 15.23 -11.15
CA ARG A 52 14.22 14.27 -10.62
C ARG A 52 13.73 12.82 -10.66
N PRO A 53 14.49 11.97 -11.37
CA PRO A 53 14.30 10.51 -11.30
C PRO A 53 14.89 9.96 -10.03
N VAL A 54 14.12 9.15 -9.30
CA VAL A 54 14.61 8.58 -8.05
C VAL A 54 14.49 7.06 -8.05
N SER A 55 14.68 6.45 -6.89
CA SER A 55 14.64 4.99 -6.77
C SER A 55 13.27 4.43 -7.17
N SER A 56 13.26 3.13 -7.46
CA SER A 56 12.08 2.42 -7.97
C SER A 56 11.69 2.91 -9.36
N GLY A 57 12.57 3.69 -9.98
CA GLY A 57 12.39 4.13 -11.36
C GLY A 57 11.25 5.10 -11.60
N LYS A 58 10.82 5.79 -10.55
CA LYS A 58 9.74 6.77 -10.68
C LYS A 58 10.33 8.16 -10.91
N HIS A 59 9.50 9.08 -11.41
CA HIS A 59 9.93 10.45 -11.62
C HIS A 59 9.28 11.37 -10.59
N LEU A 60 10.07 12.30 -10.05
CA LEU A 60 9.59 13.17 -8.99
C LEU A 60 9.56 14.64 -9.41
N LEU A 61 8.40 15.26 -9.30
CA LEU A 61 8.24 16.66 -9.68
C LEU A 61 7.72 17.51 -8.53
N MET A 62 8.34 18.67 -8.33
CA MET A 62 7.86 19.65 -7.36
C MET A 62 7.84 21.05 -7.97
N MET A 63 6.82 21.83 -7.61
CA MET A 63 6.71 23.19 -8.08
C MET A 63 6.12 24.09 -7.00
N ARG A 64 6.45 25.38 -7.06
CA ARG A 64 5.93 26.34 -6.09
C ARG A 64 5.47 27.61 -6.79
N GLY A 65 4.56 28.34 -6.14
CA GLY A 65 4.02 29.57 -6.70
C GLY A 65 2.83 30.07 -5.90
N GLN A 66 2.07 30.98 -6.48
CA GLN A 66 0.85 31.45 -5.84
C GLN A 66 -0.18 30.32 -5.90
N VAL A 67 -1.14 30.36 -4.98
CA VAL A 67 -2.15 29.30 -4.88
C VAL A 67 -2.91 29.09 -6.18
N ALA A 68 -3.26 30.19 -6.84
CA ALA A 68 -3.99 30.12 -8.11
C ALA A 68 -3.14 29.55 -9.24
N GLU A 69 -1.84 29.81 -9.20
CA GLU A 69 -0.93 29.37 -10.25
C GLU A 69 -0.68 27.86 -10.22
N VAL A 70 -0.19 27.37 -9.08
CA VAL A 70 0.14 25.95 -8.91
C VAL A 70 -1.08 25.07 -9.15
N GLU A 71 -2.24 25.55 -8.71
CA GLU A 71 -3.50 24.86 -8.93
C GLU A 71 -3.79 24.71 -10.42
N GLU A 72 -3.40 25.73 -11.19
CA GLU A 72 -3.62 25.74 -12.63
C GLU A 72 -2.64 24.80 -13.34
N SER A 73 -1.41 24.73 -12.82
CA SER A 73 -0.41 23.84 -13.38
C SER A 73 -0.69 22.39 -13.04
N MET A 74 -1.28 22.16 -11.87
CA MET A 74 -1.58 20.81 -11.41
C MET A 74 -2.70 20.17 -12.22
N ILE A 75 -3.65 21.00 -12.64
CA ILE A 75 -4.76 20.54 -13.49
C ILE A 75 -4.23 20.02 -14.82
N ALA A 76 -3.37 20.80 -15.46
CA ALA A 76 -2.77 20.42 -16.74
C ALA A 76 -1.84 19.22 -16.55
N ALA A 77 -1.29 19.08 -15.35
CA ALA A 77 -0.42 17.96 -15.02
C ALA A 77 -1.20 16.65 -14.99
N ARG A 78 -2.32 16.66 -14.29
CA ARG A 78 -3.16 15.47 -14.16
C ARG A 78 -3.78 15.04 -15.49
N GLU A 79 -3.99 16.00 -16.37
CA GLU A 79 -4.58 15.73 -17.69
C GLU A 79 -3.63 14.93 -18.57
N ILE A 80 -2.35 15.32 -18.55
CA ILE A 80 -1.34 14.63 -19.35
C ILE A 80 -0.88 13.35 -18.68
N ALA A 81 -0.69 13.40 -17.36
CA ALA A 81 -0.19 12.26 -16.60
C ALA A 81 -1.17 11.08 -16.61
N GLY A 82 -2.41 11.34 -17.02
CA GLY A 82 -3.44 10.32 -17.03
C GLY A 82 -3.84 9.85 -18.40
N ALA A 83 -3.13 10.31 -19.42
CA ALA A 83 -3.43 9.94 -20.81
C ALA A 83 -3.23 8.45 -21.02
N GLY A 84 -4.13 7.83 -21.79
CA GLY A 84 -4.12 6.40 -22.00
C GLY A 84 -4.23 5.67 -20.68
N SER A 85 -3.15 5.03 -20.27
CA SER A 85 -3.05 4.48 -18.93
C SER A 85 -2.20 5.42 -18.07
N GLY A 86 -2.82 5.97 -17.03
CA GLY A 86 -2.17 6.98 -16.20
C GLY A 86 -0.86 6.54 -15.57
N ALA A 87 0.18 7.35 -15.75
CA ALA A 87 1.48 7.08 -15.15
C ALA A 87 1.57 7.70 -13.76
N LEU A 88 0.55 8.48 -13.40
CA LEU A 88 0.54 9.16 -12.12
C LEU A 88 0.32 8.18 -10.97
N LEU A 89 1.27 8.16 -10.03
CA LEU A 89 1.19 7.28 -8.87
C LEU A 89 0.46 7.98 -7.72
N ASP A 90 0.93 9.18 -7.37
CA ASP A 90 0.27 10.00 -6.37
C ASP A 90 0.46 11.48 -6.68
N GLU A 91 -0.16 12.35 -5.88
CA GLU A 91 -0.15 13.78 -6.14
C GLU A 91 -0.49 14.58 -4.89
N LEU A 92 0.20 15.71 -4.69
CA LEU A 92 -0.05 16.57 -3.54
C LEU A 92 -0.15 18.04 -3.93
N GLU A 93 -1.07 18.75 -3.28
CA GLU A 93 -1.23 20.19 -3.50
C GLU A 93 -1.47 20.92 -2.18
N LEU A 94 -0.46 21.66 -1.72
CA LEU A 94 -0.57 22.41 -0.48
C LEU A 94 -0.56 23.92 -0.72
N PRO A 95 -1.73 24.57 -0.53
CA PRO A 95 -1.89 26.01 -0.73
C PRO A 95 -0.93 26.85 0.12
N TYR A 96 -0.67 26.41 1.35
CA TYR A 96 0.24 27.11 2.25
C TYR A 96 1.07 26.11 3.05
N ALA A 97 2.12 25.59 2.43
CA ALA A 97 2.99 24.62 3.08
C ALA A 97 3.73 25.24 4.25
N HIS A 98 3.87 24.46 5.33
CA HIS A 98 4.52 24.93 6.55
C HIS A 98 5.98 25.31 6.30
N GLU A 99 6.49 26.27 7.07
CA GLU A 99 7.82 26.80 6.88
C GLU A 99 8.92 25.75 7.02
N GLN A 100 8.83 24.92 8.06
CA GLN A 100 9.85 23.93 8.36
C GLN A 100 10.00 22.89 7.26
N LEU A 101 8.92 22.69 6.50
CA LEU A 101 8.83 21.61 5.52
C LEU A 101 9.73 21.84 4.31
N TRP A 102 10.12 23.09 4.06
CA TRP A 102 10.79 23.47 2.82
C TRP A 102 12.22 22.96 2.70
N ARG A 103 12.96 22.93 3.80
CA ARG A 103 14.38 22.59 3.74
C ARG A 103 14.62 21.08 3.70
N PHE A 104 13.55 20.31 3.58
CA PHE A 104 13.65 18.85 3.54
C PHE A 104 13.27 18.27 2.17
N LEU A 105 12.84 19.12 1.26
CA LEU A 105 12.35 18.65 -0.03
C LEU A 105 13.48 18.20 -0.97
N ASP A 106 14.54 19.00 -1.04
CA ASP A 106 15.61 18.77 -2.00
C ASP A 106 16.45 17.53 -1.74
N ALA A 107 17.23 17.56 -0.66
CA ALA A 107 18.16 16.47 -0.35
C ALA A 107 17.80 15.84 0.99
N PRO A 108 18.16 14.56 1.20
CA PRO A 108 17.94 13.90 2.48
C PRO A 108 18.62 14.62 3.64
N VAL A 109 17.92 14.78 4.76
CA VAL A 109 18.45 15.53 5.90
C VAL A 109 18.43 14.70 7.19
N VAL A 110 19.58 14.61 7.84
CA VAL A 110 19.69 13.92 9.12
C VAL A 110 20.16 14.86 10.22
N ALA A 111 19.35 14.99 11.27
CA ALA A 111 19.69 15.85 12.40
C ALA A 111 20.90 15.29 13.16
N ASP A 112 21.62 16.18 13.85
CA ASP A 112 22.80 15.76 14.59
C ASP A 112 22.65 16.05 16.08
N ALA A 113 21.59 16.78 16.45
CA ALA A 113 21.34 17.12 17.83
C ALA A 113 19.85 17.44 18.06
N TRP A 114 19.46 17.45 19.33
CA TRP A 114 18.08 17.77 19.71
C TRP A 114 18.02 18.91 20.71
N GLU A 115 16.84 19.11 21.28
CA GLU A 115 16.65 19.99 22.42
C GLU A 115 15.72 19.30 23.41
N GLU A 116 16.11 19.30 24.69
CA GLU A 116 15.32 18.63 25.73
C GLU A 116 13.98 19.32 25.92
N GLU A 119 10.56 15.09 25.03
CA GLU A 119 11.72 14.28 24.67
C GLU A 119 11.34 13.16 23.72
N SER A 120 10.05 13.00 23.49
CA SER A 120 9.55 11.91 22.65
C SER A 120 9.81 12.15 21.16
N VAL A 121 9.67 11.08 20.38
CA VAL A 121 9.91 11.17 18.94
C VAL A 121 9.11 10.08 18.21
N ILE A 122 8.50 10.46 17.09
CA ILE A 122 7.82 9.49 16.23
C ILE A 122 8.52 9.37 14.89
N ILE A 123 8.46 8.18 14.30
CA ILE A 123 9.07 7.94 13.00
C ILE A 123 8.02 7.38 12.04
N VAL A 124 7.63 8.20 11.07
CA VAL A 124 6.60 7.83 10.11
C VAL A 124 7.22 7.23 8.85
N GLU A 125 6.59 6.18 8.32
CA GLU A 125 7.09 5.50 7.13
C GLU A 125 5.98 5.31 6.10
N THR A 126 6.07 6.03 4.99
CA THR A 126 5.04 6.00 3.96
C THR A 126 5.50 5.27 2.70
N ALA A 127 4.56 5.00 1.80
CA ALA A 127 4.85 4.28 0.57
C ALA A 127 5.24 5.23 -0.56
N THR A 128 4.60 6.39 -0.59
CA THR A 128 4.87 7.39 -1.63
C THR A 128 5.43 8.68 -1.03
N VAL A 129 6.15 9.44 -1.86
CA VAL A 129 6.74 10.70 -1.44
C VAL A 129 5.65 11.70 -1.04
N CYS A 130 4.59 11.74 -1.83
CA CYS A 130 3.46 12.63 -1.55
C CYS A 130 2.83 12.34 -0.20
N ALA A 131 2.78 11.05 0.15
CA ALA A 131 2.20 10.64 1.43
C ALA A 131 3.05 11.14 2.60
N ALA A 132 4.34 11.30 2.37
CA ALA A 132 5.26 11.76 3.42
C ALA A 132 5.12 13.26 3.66
N ILE A 133 5.24 14.04 2.58
CA ILE A 133 5.13 15.49 2.67
C ILE A 133 3.78 15.93 3.18
N ASP A 134 2.72 15.25 2.72
CA ASP A 134 1.36 15.57 3.13
C ASP A 134 1.14 15.25 4.60
N SER A 135 1.80 14.21 5.09
CA SER A 135 1.68 13.81 6.48
C SER A 135 2.51 14.69 7.41
N ALA A 136 3.59 15.25 6.87
CA ALA A 136 4.46 16.11 7.65
C ALA A 136 3.82 17.49 7.84
N ASP A 137 3.28 18.04 6.76
CA ASP A 137 2.66 19.36 6.78
C ASP A 137 1.45 19.43 7.71
N ALA A 138 0.66 18.36 7.74
CA ALA A 138 -0.54 18.32 8.57
C ALA A 138 -0.17 18.32 10.06
N ALA A 139 0.85 17.56 10.41
CA ALA A 139 1.28 17.44 11.81
C ALA A 139 1.86 18.76 12.32
N LEU A 140 2.65 19.41 11.48
CA LEU A 140 3.30 20.64 11.85
C LEU A 140 2.36 21.76 12.12
N LYS A 141 1.11 21.61 11.72
CA LYS A 141 0.11 22.64 11.89
C LYS A 141 -1.03 22.06 12.69
N THR A 142 -0.69 21.10 13.52
CA THR A 142 -1.61 20.44 14.38
C THR A 142 -1.00 20.49 15.77
N ALA A 143 0.24 20.03 15.87
CA ALA A 143 0.91 20.00 17.16
C ALA A 143 2.25 20.74 17.08
N PRO A 144 2.70 21.30 18.22
CA PRO A 144 4.00 21.97 18.27
C PRO A 144 5.17 20.99 18.21
N VAL A 145 5.37 20.39 17.04
CA VAL A 145 6.45 19.43 16.85
C VAL A 145 7.54 19.97 15.94
N VAL A 146 8.66 19.27 15.90
CA VAL A 146 9.79 19.69 15.06
C VAL A 146 10.24 18.56 14.14
N LEU A 147 10.27 18.83 12.84
CA LEU A 147 10.73 17.86 11.85
C LEU A 147 12.26 17.79 11.85
N ARG A 148 12.80 16.61 12.13
CA ARG A 148 14.24 16.43 12.25
C ARG A 148 14.84 15.76 11.02
N ASP A 149 14.30 14.60 10.68
CA ASP A 149 14.82 13.82 9.55
C ASP A 149 13.76 13.64 8.48
N MET A 150 14.22 13.40 7.26
CA MET A 150 13.34 13.10 6.13
C MET A 150 14.14 12.52 4.98
N ARG A 151 13.57 11.52 4.31
CA ARG A 151 14.21 10.94 3.13
C ARG A 151 13.15 10.60 2.09
N LEU A 152 13.31 11.14 0.89
CA LEU A 152 12.31 10.95 -0.15
C LEU A 152 12.78 10.01 -1.26
N ALA A 153 12.27 8.79 -1.25
CA ALA A 153 12.45 7.82 -2.34
C ALA A 153 13.90 7.35 -2.54
N ILE A 154 14.83 8.30 -2.65
CA ILE A 154 16.20 7.99 -3.02
C ILE A 154 16.90 7.10 -2.00
N GLY A 155 17.41 5.96 -2.46
CA GLY A 155 18.17 5.05 -1.62
C GLY A 155 17.32 4.09 -0.81
N ILE A 156 15.99 4.20 -0.93
CA ILE A 156 15.08 3.36 -0.17
C ILE A 156 13.95 2.81 -1.01
N ALA A 157 14.18 2.71 -2.32
CA ALA A 157 13.25 2.08 -3.25
C ALA A 157 11.85 2.69 -3.25
N GLY A 158 11.78 4.01 -3.44
CA GLY A 158 10.50 4.68 -3.60
C GLY A 158 9.81 5.06 -2.31
N LYS A 159 10.08 4.34 -1.23
CA LYS A 159 9.47 4.63 0.06
C LYS A 159 9.94 5.97 0.61
N ALA A 160 9.34 6.40 1.71
CA ALA A 160 9.74 7.66 2.33
C ALA A 160 9.54 7.61 3.84
N PHE A 161 10.32 8.41 4.56
CA PHE A 161 10.14 8.51 6.01
C PHE A 161 10.54 9.89 6.53
N PHE A 162 10.02 10.23 7.70
CA PHE A 162 10.43 11.44 8.41
C PHE A 162 10.28 11.25 9.91
N THR A 163 10.86 12.17 10.69
CA THR A 163 10.81 12.09 12.14
C THR A 163 10.30 13.37 12.77
N LEU A 164 9.48 13.24 13.81
CA LEU A 164 8.95 14.39 14.52
C LEU A 164 9.22 14.27 16.02
N THR A 165 9.79 15.32 16.61
CA THR A 165 10.08 15.34 18.04
C THR A 165 9.18 16.31 18.78
N GLY A 166 9.25 16.27 20.11
CA GLY A 166 8.45 17.12 20.96
C GLY A 166 7.97 16.38 22.19
N GLU A 167 7.06 17.00 22.94
CA GLU A 167 6.47 16.37 24.12
C GLU A 167 5.68 15.14 23.71
N LEU A 168 5.51 14.19 24.64
CA LEU A 168 4.81 12.95 24.35
C LEU A 168 3.36 13.20 23.93
N ALA A 169 2.73 14.20 24.54
CA ALA A 169 1.37 14.55 24.20
C ALA A 169 1.27 15.15 22.80
N ASP A 170 2.29 15.90 22.41
CA ASP A 170 2.32 16.55 21.11
C ASP A 170 2.56 15.56 19.98
N VAL A 171 3.44 14.59 20.19
CA VAL A 171 3.74 13.60 19.17
C VAL A 171 2.63 12.56 19.07
N GLU A 172 1.90 12.37 20.17
CA GLU A 172 0.72 11.50 20.16
C GLU A 172 -0.40 12.19 19.38
N ALA A 173 -0.55 13.49 19.61
CA ALA A 173 -1.57 14.27 18.91
C ALA A 173 -1.22 14.41 17.43
N ALA A 174 0.07 14.31 17.12
CA ALA A 174 0.52 14.39 15.74
C ALA A 174 0.68 13.00 15.13
N ALA A 175 0.09 12.00 15.76
CA ALA A 175 0.20 10.62 15.30
C ALA A 175 -1.07 10.15 14.58
N GLU A 176 -2.23 10.39 15.19
CA GLU A 176 -3.50 9.95 14.63
C GLU A 176 -3.93 10.87 13.48
N VAL A 177 -3.31 12.04 13.39
CA VAL A 177 -3.55 12.94 12.27
C VAL A 177 -2.83 12.40 11.04
N VAL A 178 -1.60 11.95 11.24
CA VAL A 178 -0.82 11.31 10.19
C VAL A 178 -1.54 10.07 9.67
N ARG A 179 -2.11 9.29 10.59
CA ARG A 179 -2.84 8.09 10.21
C ARG A 179 -4.06 8.40 9.35
N GLU A 180 -4.76 9.49 9.68
CA GLU A 180 -5.94 9.88 8.94
C GLU A 180 -5.57 10.49 7.58
N ARG A 181 -4.43 11.16 7.52
CA ARG A 181 -3.98 11.80 6.30
C ARG A 181 -3.37 10.77 5.33
N CYS A 182 -2.61 9.82 5.87
CA CYS A 182 -1.93 8.82 5.05
C CYS A 182 -2.91 7.80 4.45
N GLY A 183 -3.79 7.28 5.30
CA GLY A 183 -4.69 6.22 4.88
C GLY A 183 -3.95 4.92 4.68
N ALA A 184 -4.18 4.27 3.54
CA ALA A 184 -3.53 3.01 3.23
C ALA A 184 -2.07 3.23 2.81
N ARG A 185 -1.71 4.49 2.59
CA ARG A 185 -0.36 4.83 2.15
C ARG A 185 0.66 4.72 3.29
N LEU A 186 0.16 4.63 4.52
CA LEU A 186 1.04 4.46 5.68
C LEU A 186 1.48 3.01 5.81
N LEU A 187 2.76 2.82 6.08
CA LEU A 187 3.31 1.48 6.30
C LEU A 187 3.42 1.18 7.78
N GLU A 188 4.42 1.76 8.43
CA GLU A 188 4.63 1.59 9.87
C GLU A 188 4.81 2.93 10.55
N LEU A 189 4.19 3.09 11.72
CA LEU A 189 4.35 4.32 12.49
C LEU A 189 4.85 3.99 13.90
N ALA A 190 6.14 4.24 14.14
CA ALA A 190 6.75 3.95 15.43
C ALA A 190 6.71 5.16 16.34
N CYS A 191 6.62 4.90 17.64
CA CYS A 191 6.61 5.95 18.64
C CYS A 191 7.55 5.58 19.79
N ILE A 192 8.37 6.55 20.21
CA ILE A 192 9.31 6.32 21.31
C ILE A 192 9.13 7.38 22.40
N ALA A 193 8.66 6.93 23.57
CA ALA A 193 8.40 7.83 24.68
C ALA A 193 9.70 8.41 25.25
N ARG A 194 10.61 7.53 25.65
CA ARG A 194 11.88 7.97 26.22
C ARG A 194 13.07 7.31 25.51
N PRO A 195 13.59 7.97 24.47
CA PRO A 195 14.74 7.47 23.71
C PRO A 195 16.04 7.51 24.51
N VAL A 196 16.90 6.51 24.31
CA VAL A 196 18.19 6.48 24.99
C VAL A 196 19.07 7.63 24.53
N ASP A 197 20.02 8.00 25.37
CA ASP A 197 20.89 9.14 25.11
C ASP A 197 21.72 8.96 23.84
N GLU A 198 22.07 7.72 23.53
CA GLU A 198 22.91 7.42 22.38
C GLU A 198 22.17 7.62 21.06
N LEU A 199 20.84 7.66 21.13
CA LEU A 199 20.03 7.83 19.93
C LEU A 199 19.45 9.24 19.82
N ARG A 200 19.56 10.01 20.91
CA ARG A 200 19.06 11.38 20.91
C ARG A 200 19.85 12.26 19.94
N GLY A 201 19.16 12.75 18.92
CA GLY A 201 19.77 13.66 17.97
C GLY A 201 20.30 12.99 16.73
N ARG A 202 21.00 11.87 16.90
CA ARG A 202 21.61 11.17 15.80
C ARG A 202 21.01 9.78 15.62
N LEU A 203 20.01 9.68 14.74
CA LEU A 203 19.30 8.43 14.52
C LEU A 203 19.80 7.68 13.30
N PHE A 204 20.50 8.38 12.42
CA PHE A 204 21.00 7.77 11.19
C PHE A 204 22.47 8.11 10.97
N PHE A 205 23.28 7.07 10.80
CA PHE A 205 24.73 7.23 10.67
C PHE A 205 25.38 5.96 10.15
N MET B 1 -21.22 19.74 -8.49
CA MET B 1 -20.84 20.91 -7.69
C MET B 1 -20.21 20.49 -6.38
N ASP B 2 -19.46 21.41 -5.77
CA ASP B 2 -18.85 21.17 -4.47
C ASP B 2 -19.82 21.54 -3.35
N HIS B 3 -20.25 20.54 -2.60
CA HIS B 3 -21.18 20.76 -1.50
C HIS B 3 -20.46 21.31 -0.27
N ALA B 4 -21.06 22.31 0.36
CA ALA B 4 -20.47 22.94 1.54
C ALA B 4 -20.34 21.95 2.69
N PRO B 5 -19.14 21.89 3.31
CA PRO B 5 -18.89 20.98 4.43
C PRO B 5 -19.65 21.36 5.69
N GLU B 6 -20.33 22.51 5.65
CA GLU B 6 -21.08 22.99 6.80
C GLU B 6 -22.59 22.89 6.55
N ARG B 7 -22.99 22.01 5.64
CA ARG B 7 -24.39 21.90 5.25
C ARG B 7 -25.22 21.08 6.24
N PHE B 8 -24.54 20.37 7.14
CA PHE B 8 -25.23 19.55 8.14
C PHE B 8 -25.47 20.31 9.43
N ASP B 9 -24.96 21.55 9.50
CA ASP B 9 -25.09 22.36 10.71
C ASP B 9 -26.55 22.68 11.00
N ALA B 10 -26.92 22.59 12.28
CA ALA B 10 -28.29 22.80 12.72
C ALA B 10 -28.76 24.23 12.44
N THR B 11 -27.90 25.19 12.76
CA THR B 11 -28.24 26.59 12.57
C THR B 11 -27.24 27.26 11.63
N PRO B 12 -27.68 27.59 10.40
CA PRO B 12 -26.84 28.31 9.44
C PRO B 12 -26.59 29.75 9.88
N PRO B 13 -25.53 30.39 9.36
CA PRO B 13 -25.23 31.81 9.61
C PRO B 13 -26.42 32.72 9.23
N ALA B 14 -26.40 33.95 9.76
CA ALA B 14 -27.59 34.81 9.86
C ALA B 14 -27.97 35.31 8.47
N GLY B 15 -26.95 35.49 7.62
CA GLY B 15 -27.16 35.97 6.25
C GLY B 15 -27.36 34.88 5.25
N GLU B 16 -27.94 33.80 5.73
CA GLU B 16 -28.27 32.65 4.91
C GLU B 16 -29.63 32.08 5.35
N PRO B 17 -30.46 31.66 4.38
CA PRO B 17 -31.81 31.15 4.70
C PRO B 17 -31.79 29.92 5.60
N ASP B 18 -32.73 29.87 6.55
CA ASP B 18 -32.81 28.74 7.47
C ASP B 18 -33.45 27.54 6.80
N ARG B 19 -32.89 26.35 7.04
CA ARG B 19 -33.44 25.13 6.49
C ARG B 19 -33.70 24.10 7.58
N PRO B 20 -34.81 24.27 8.32
CA PRO B 20 -35.13 23.41 9.47
C PRO B 20 -35.74 22.06 9.08
N ALA B 21 -36.29 21.97 7.87
CA ALA B 21 -36.96 20.74 7.43
C ALA B 21 -35.95 19.68 6.95
N LEU B 22 -36.21 18.43 7.29
CA LEU B 22 -35.30 17.35 6.93
C LEU B 22 -36.02 16.23 6.17
N GLY B 23 -35.44 15.83 5.04
CA GLY B 23 -35.96 14.71 4.27
C GLY B 23 -34.91 13.63 4.11
N VAL B 24 -35.32 12.38 4.34
CA VAL B 24 -34.40 11.24 4.17
C VAL B 24 -35.08 10.14 3.37
N LEU B 25 -34.42 9.73 2.28
CA LEU B 25 -34.94 8.66 1.43
C LEU B 25 -34.04 7.43 1.47
N GLU B 26 -34.65 6.26 1.57
CA GLU B 26 -33.92 5.00 1.62
C GLU B 26 -34.35 4.11 0.46
N LEU B 27 -33.44 3.92 -0.49
CA LEU B 27 -33.77 3.25 -1.75
C LEU B 27 -32.92 2.00 -1.97
N THR B 28 -33.56 0.96 -2.50
CA THR B 28 -32.91 -0.34 -2.69
C THR B 28 -32.03 -0.36 -3.93
N SER B 29 -32.23 0.60 -4.81
CA SER B 29 -31.45 0.70 -6.03
C SER B 29 -30.63 1.98 -6.07
N ILE B 30 -29.35 1.84 -6.42
CA ILE B 30 -28.48 3.00 -6.55
C ILE B 30 -28.85 3.76 -7.83
N ALA B 31 -29.23 3.01 -8.85
CA ALA B 31 -29.67 3.61 -10.11
C ALA B 31 -30.92 4.45 -9.89
N ARG B 32 -31.88 3.88 -9.16
CA ARG B 32 -33.08 4.61 -8.81
C ARG B 32 -32.79 5.70 -7.79
N GLY B 33 -31.66 5.55 -7.09
CA GLY B 33 -31.23 6.56 -6.15
C GLY B 33 -30.97 7.90 -6.81
N ILE B 34 -30.27 7.86 -7.94
CA ILE B 34 -29.93 9.07 -8.67
C ILE B 34 -31.14 9.62 -9.43
N THR B 35 -31.97 8.72 -9.95
CA THR B 35 -33.20 9.12 -10.64
C THR B 35 -34.14 9.84 -9.69
N VAL B 36 -34.23 9.34 -8.46
CA VAL B 36 -35.05 9.95 -7.42
C VAL B 36 -34.45 11.28 -6.97
N ALA B 37 -33.13 11.31 -6.83
CA ALA B 37 -32.42 12.51 -6.42
C ALA B 37 -32.59 13.63 -7.45
N ASP B 38 -32.46 13.27 -8.72
CA ASP B 38 -32.57 14.23 -9.82
C ASP B 38 -33.95 14.87 -9.87
N ALA B 39 -34.98 14.08 -9.60
CA ALA B 39 -36.36 14.56 -9.68
C ALA B 39 -36.78 15.33 -8.43
N ALA B 40 -36.20 14.97 -7.29
CA ALA B 40 -36.53 15.60 -6.03
C ALA B 40 -36.17 17.09 -6.03
N LEU B 41 -35.01 17.41 -6.60
CA LEU B 41 -34.56 18.80 -6.67
C LEU B 41 -35.09 19.49 -7.92
N LYS B 42 -35.54 18.69 -8.89
CA LYS B 42 -36.17 19.22 -10.10
C LYS B 42 -37.51 19.88 -9.76
N ARG B 43 -38.18 19.32 -8.76
CA ARG B 43 -39.49 19.80 -8.35
C ARG B 43 -39.38 21.02 -7.44
N ALA B 44 -38.57 20.91 -6.39
CA ALA B 44 -38.39 21.98 -5.43
C ALA B 44 -36.92 22.17 -5.09
N PRO B 45 -36.51 23.43 -4.83
CA PRO B 45 -35.09 23.75 -4.59
C PRO B 45 -34.60 23.36 -3.19
N SER B 46 -34.71 22.09 -2.84
CA SER B 46 -34.17 21.61 -1.57
C SER B 46 -32.66 21.47 -1.66
N LEU B 47 -31.97 21.58 -0.52
CA LEU B 47 -30.53 21.41 -0.48
C LEU B 47 -30.17 19.96 -0.23
N LEU B 48 -29.54 19.32 -1.20
CA LEU B 48 -29.19 17.91 -1.07
C LEU B 48 -27.99 17.74 -0.14
N LEU B 49 -28.19 16.98 0.93
CA LEU B 49 -27.15 16.80 1.94
C LEU B 49 -26.20 15.66 1.61
N MET B 50 -26.75 14.53 1.16
CA MET B 50 -25.92 13.39 0.81
C MET B 50 -26.60 12.47 -0.21
N SER B 51 -25.80 11.98 -1.15
CA SER B 51 -26.22 10.94 -2.09
C SER B 51 -25.27 9.76 -1.94
N ARG B 52 -25.60 8.85 -1.02
CA ARG B 52 -24.62 7.89 -0.56
C ARG B 52 -25.07 6.44 -0.68
N PRO B 53 -24.26 5.61 -1.36
CA PRO B 53 -24.43 4.16 -1.35
C PRO B 53 -23.89 3.58 -0.06
N VAL B 54 -24.72 2.83 0.66
CA VAL B 54 -24.35 2.23 1.94
C VAL B 54 -24.53 0.72 2.05
N SER B 55 -24.25 0.17 3.22
CA SER B 55 -24.35 -1.26 3.45
C SER B 55 -25.64 -1.99 3.06
N SER B 56 -25.48 -3.22 2.62
CA SER B 56 -26.56 -4.09 2.16
C SER B 56 -26.90 -3.81 0.69
N GLY B 57 -26.28 -2.79 0.13
CA GLY B 57 -26.54 -2.38 -1.23
C GLY B 57 -27.71 -1.43 -1.47
N LYS B 58 -27.95 -0.53 -0.54
CA LYS B 58 -29.04 0.41 -0.68
C LYS B 58 -28.49 1.82 -0.84
N HIS B 59 -29.30 2.72 -1.41
CA HIS B 59 -28.87 4.09 -1.64
C HIS B 59 -29.50 5.01 -0.61
N LEU B 60 -28.70 5.94 -0.09
CA LEU B 60 -29.15 6.84 0.98
C LEU B 60 -29.20 8.29 0.51
N LEU B 61 -30.36 8.92 0.63
CA LEU B 61 -30.54 10.30 0.23
C LEU B 61 -31.03 11.17 1.39
N MET B 62 -30.37 12.30 1.58
CA MET B 62 -30.82 13.29 2.56
C MET B 62 -30.91 14.67 1.93
N MET B 63 -31.82 15.49 2.45
CA MET B 63 -31.99 16.85 1.97
C MET B 63 -32.52 17.74 3.09
N ARG B 64 -32.30 19.04 2.95
CA ARG B 64 -32.84 20.00 3.90
C ARG B 64 -33.35 21.24 3.17
N GLY B 65 -34.26 21.96 3.82
CA GLY B 65 -34.85 23.15 3.24
C GLY B 65 -36.00 23.65 4.09
N GLN B 66 -36.94 24.35 3.46
CA GLN B 66 -38.14 24.79 4.15
C GLN B 66 -39.14 23.65 4.23
N VAL B 67 -40.11 23.78 5.13
CA VAL B 67 -41.12 22.75 5.32
C VAL B 67 -41.87 22.47 4.02
N ALA B 68 -42.12 23.53 3.24
CA ALA B 68 -42.83 23.42 1.99
C ALA B 68 -41.93 22.89 0.86
N GLU B 69 -40.65 23.22 0.92
CA GLU B 69 -39.69 22.77 -0.09
C GLU B 69 -39.47 21.27 0.00
N VAL B 70 -39.20 20.78 1.20
CA VAL B 70 -38.99 19.35 1.42
C VAL B 70 -40.26 18.57 1.13
N GLU B 71 -41.39 19.05 1.62
CA GLU B 71 -42.68 18.41 1.39
C GLU B 71 -42.97 18.25 -0.10
N GLU B 72 -42.60 19.25 -0.88
CA GLU B 72 -42.80 19.22 -2.33
C GLU B 72 -41.79 18.32 -3.02
N SER B 73 -40.55 18.33 -2.54
CA SER B 73 -39.50 17.49 -3.10
C SER B 73 -39.76 16.01 -2.85
N MET B 74 -40.25 15.69 -1.65
CA MET B 74 -40.51 14.31 -1.28
C MET B 74 -41.65 13.72 -2.11
N ILE B 75 -42.65 14.53 -2.40
CA ILE B 75 -43.78 14.12 -3.23
C ILE B 75 -43.30 13.64 -4.60
N ALA B 76 -42.43 14.41 -5.22
CA ALA B 76 -41.86 14.05 -6.51
C ALA B 76 -41.03 12.76 -6.41
N ALA B 77 -40.18 12.70 -5.39
CA ALA B 77 -39.33 11.55 -5.15
C ALA B 77 -40.14 10.30 -4.86
N ARG B 78 -41.26 10.47 -4.17
CA ARG B 78 -42.13 9.35 -3.80
C ARG B 78 -42.84 8.78 -5.02
N GLU B 79 -43.09 9.62 -6.02
CA GLU B 79 -43.81 9.22 -7.22
C GLU B 79 -42.94 8.37 -8.15
N ILE B 80 -41.64 8.64 -8.15
CA ILE B 80 -40.71 7.90 -9.00
C ILE B 80 -40.16 6.68 -8.26
N ALA B 81 -40.06 6.78 -6.95
CA ALA B 81 -39.58 5.66 -6.13
C ALA B 81 -40.53 4.47 -6.19
N GLY B 82 -41.76 4.72 -6.61
CA GLY B 82 -42.75 3.66 -6.73
C GLY B 82 -43.16 3.40 -8.16
N ALA B 83 -42.35 3.87 -9.11
CA ALA B 83 -42.64 3.68 -10.53
C ALA B 83 -42.55 2.22 -10.92
N GLY B 84 -43.71 1.60 -11.13
CA GLY B 84 -43.77 0.18 -11.45
C GLY B 84 -43.23 -0.66 -10.32
N SER B 85 -41.97 -1.09 -10.47
CA SER B 85 -41.30 -1.86 -9.42
C SER B 85 -40.92 -0.97 -8.26
N GLY B 86 -41.36 -1.33 -7.06
CA GLY B 86 -41.07 -0.57 -5.87
C GLY B 86 -39.60 -0.65 -5.46
N ALA B 87 -38.98 0.52 -5.35
CA ALA B 87 -37.58 0.60 -4.91
C ALA B 87 -37.50 1.45 -3.65
N LEU B 88 -38.65 1.83 -3.12
CA LEU B 88 -38.74 2.66 -1.93
C LEU B 88 -38.87 1.79 -0.67
N LEU B 89 -37.84 1.80 0.17
CA LEU B 89 -37.86 1.03 1.41
C LEU B 89 -38.60 1.78 2.51
N ASP B 90 -38.05 2.91 2.92
CA ASP B 90 -38.65 3.72 3.98
C ASP B 90 -38.30 5.20 3.83
N GLU B 91 -39.22 6.06 4.22
CA GLU B 91 -39.03 7.50 4.08
C GLU B 91 -39.15 8.23 5.41
N LEU B 92 -38.81 9.51 5.41
CA LEU B 92 -38.88 10.31 6.62
C LEU B 92 -38.99 11.81 6.31
N GLU B 93 -39.85 12.49 7.05
CA GLU B 93 -40.07 13.92 6.87
C GLU B 93 -40.17 14.63 8.21
N LEU B 94 -39.17 15.45 8.53
CA LEU B 94 -39.16 16.21 9.77
C LEU B 94 -39.17 17.71 9.49
N PRO B 95 -40.35 18.34 9.62
CA PRO B 95 -40.53 19.78 9.39
C PRO B 95 -39.58 20.64 10.24
N TYR B 96 -39.31 20.19 11.46
CA TYR B 96 -38.36 20.88 12.34
C TYR B 96 -37.53 19.88 13.12
N ALA B 97 -36.40 19.48 12.55
CA ALA B 97 -35.51 18.49 13.17
C ALA B 97 -34.85 19.07 14.41
N HIS B 98 -34.75 18.26 15.45
CA HIS B 98 -34.16 18.67 16.72
C HIS B 98 -32.70 19.06 16.55
N GLU B 99 -32.24 19.98 17.39
CA GLU B 99 -30.89 20.55 17.28
C GLU B 99 -29.78 19.50 17.38
N GLN B 100 -29.90 18.59 18.34
CA GLN B 100 -28.85 17.62 18.62
C GLN B 100 -28.67 16.57 17.53
N LEU B 101 -29.68 16.42 16.67
CA LEU B 101 -29.69 15.34 15.69
C LEU B 101 -28.84 15.65 14.46
N TRP B 102 -28.60 16.93 14.22
CA TRP B 102 -27.95 17.36 12.97
C TRP B 102 -26.49 16.93 12.84
N ARG B 103 -25.80 16.76 13.95
CA ARG B 103 -24.38 16.43 13.89
C ARG B 103 -24.14 14.92 13.89
N PHE B 104 -25.21 14.15 13.70
CA PHE B 104 -25.10 12.69 13.67
C PHE B 104 -25.50 12.10 12.32
N LEU B 105 -25.72 12.97 11.33
CA LEU B 105 -26.18 12.53 10.02
C LEU B 105 -25.04 12.20 9.05
N ASP B 106 -24.04 13.08 9.00
CA ASP B 106 -22.99 13.00 7.99
C ASP B 106 -22.09 11.77 8.14
N ALA B 107 -21.66 11.49 9.38
CA ALA B 107 -20.71 10.40 9.61
C ALA B 107 -20.95 9.73 10.95
N PRO B 108 -20.60 8.43 11.06
CA PRO B 108 -20.67 7.71 12.33
C PRO B 108 -19.81 8.36 13.41
N VAL B 109 -20.34 8.45 14.63
CA VAL B 109 -19.62 9.09 15.72
C VAL B 109 -19.92 8.43 17.06
N VAL B 110 -18.87 8.09 17.80
CA VAL B 110 -19.01 7.50 19.13
C VAL B 110 -18.67 8.51 20.23
N ALA B 111 -19.52 8.60 21.24
CA ALA B 111 -19.29 9.50 22.36
C ALA B 111 -18.20 8.93 23.26
N ASP B 112 -17.20 9.76 23.57
CA ASP B 112 -16.05 9.31 24.36
C ASP B 112 -16.21 9.64 25.84
N ALA B 113 -17.26 10.36 26.18
CA ALA B 113 -17.48 10.76 27.57
C ALA B 113 -18.95 11.08 27.85
N TRP B 114 -19.34 10.92 29.12
CA TRP B 114 -20.67 11.29 29.56
C TRP B 114 -20.60 12.50 30.47
N GLU B 115 -21.47 13.48 30.20
CA GLU B 115 -21.46 14.73 30.95
C GLU B 115 -22.78 14.94 31.69
N GLU B 119 -26.28 9.21 34.09
CA GLU B 119 -26.88 8.43 35.17
C GLU B 119 -27.46 7.12 34.65
N SER B 120 -28.07 7.18 33.47
CA SER B 120 -28.65 6.00 32.84
C SER B 120 -28.53 6.08 31.32
N VAL B 121 -28.63 4.92 30.67
CA VAL B 121 -28.46 4.86 29.21
C VAL B 121 -29.47 3.90 28.58
N ILE B 122 -29.86 4.19 27.34
CA ILE B 122 -30.75 3.31 26.59
C ILE B 122 -30.25 3.15 25.16
N ILE B 123 -30.32 1.91 24.66
CA ILE B 123 -29.82 1.61 23.32
C ILE B 123 -30.99 1.19 22.43
N VAL B 124 -30.98 1.70 21.20
CA VAL B 124 -32.04 1.40 20.24
C VAL B 124 -31.45 1.07 18.88
N GLU B 125 -31.72 -0.13 18.38
CA GLU B 125 -31.30 -0.48 17.02
C GLU B 125 -32.50 -0.73 16.12
N THR B 126 -32.40 -0.26 14.88
CA THR B 126 -33.49 -0.39 13.91
C THR B 126 -32.98 -0.97 12.59
N ALA B 127 -33.90 -1.58 11.83
CA ALA B 127 -33.54 -2.19 10.55
C ALA B 127 -33.64 -1.19 9.41
N THR B 128 -33.74 0.09 9.77
CA THR B 128 -33.90 1.15 8.78
C THR B 128 -33.24 2.45 9.26
N VAL B 129 -32.48 3.09 8.38
CA VAL B 129 -31.83 4.36 8.69
C VAL B 129 -32.87 5.43 9.07
N CYS B 130 -33.91 5.54 8.25
CA CYS B 130 -34.96 6.52 8.48
C CYS B 130 -35.73 6.23 9.76
N ALA B 131 -35.72 4.96 10.17
CA ALA B 131 -36.40 4.56 11.40
C ALA B 131 -35.69 5.10 12.63
N ALA B 132 -34.37 5.03 12.63
CA ALA B 132 -33.56 5.49 13.76
C ALA B 132 -33.67 6.99 13.95
N ILE B 133 -33.64 7.73 12.85
CA ILE B 133 -33.70 9.19 12.90
C ILE B 133 -35.08 9.66 13.37
N ASP B 134 -36.11 8.96 12.92
CA ASP B 134 -37.49 9.30 13.28
C ASP B 134 -37.73 9.10 14.78
N SER B 135 -37.17 8.03 15.33
CA SER B 135 -37.33 7.73 16.74
C SER B 135 -36.46 8.62 17.63
N ALA B 136 -35.28 8.95 17.12
CA ALA B 136 -34.35 9.81 17.86
C ALA B 136 -34.93 11.21 18.02
N ASP B 137 -35.58 11.70 16.97
CA ASP B 137 -36.17 13.05 16.98
C ASP B 137 -37.32 13.16 17.97
N ALA B 138 -38.26 12.22 17.89
CA ALA B 138 -39.43 12.22 18.76
C ALA B 138 -39.03 12.11 20.23
N ALA B 139 -37.98 11.35 20.50
CA ALA B 139 -37.49 11.15 21.85
C ALA B 139 -36.83 12.42 22.39
N LEU B 140 -36.13 13.13 21.50
CA LEU B 140 -35.44 14.36 21.89
C LEU B 140 -36.42 15.49 22.19
N LYS B 141 -37.62 15.39 21.64
CA LYS B 141 -38.65 16.41 21.86
C LYS B 141 -39.55 16.06 23.03
N THR B 142 -39.56 14.79 23.42
CA THR B 142 -40.46 14.33 24.48
C THR B 142 -39.72 14.23 25.82
N ALA B 143 -38.42 13.99 25.76
CA ALA B 143 -37.63 13.78 26.97
C ALA B 143 -36.38 14.65 27.00
N PRO B 144 -35.88 14.96 28.21
CA PRO B 144 -34.62 15.71 28.37
C PRO B 144 -33.39 14.83 28.15
N VAL B 145 -33.46 13.93 27.18
CA VAL B 145 -32.36 13.01 26.90
C VAL B 145 -31.28 13.67 26.06
N VAL B 146 -30.09 13.07 26.07
CA VAL B 146 -28.96 13.59 25.31
C VAL B 146 -28.43 12.52 24.34
N LEU B 147 -28.63 12.76 23.04
CA LEU B 147 -28.11 11.88 22.01
C LEU B 147 -26.59 11.90 22.04
N ARG B 148 -25.97 10.74 22.13
CA ARG B 148 -24.51 10.65 22.25
C ARG B 148 -23.87 9.77 21.18
N ASP B 149 -24.46 8.61 20.93
CA ASP B 149 -23.95 7.69 19.91
C ASP B 149 -24.98 7.49 18.80
N MET B 150 -24.49 7.23 17.60
CA MET B 150 -25.37 6.95 16.46
C MET B 150 -24.60 6.36 15.28
N ARG B 151 -25.21 5.40 14.61
CA ARG B 151 -24.61 4.79 13.43
C ARG B 151 -25.70 4.40 12.43
N LEU B 152 -25.47 4.69 11.16
CA LEU B 152 -26.49 4.48 10.13
C LEU B 152 -25.98 3.63 8.97
N ALA B 153 -26.56 2.43 8.84
CA ALA B 153 -26.31 1.52 7.70
C ALA B 153 -24.87 1.02 7.60
N ILE B 154 -23.91 1.94 7.47
CA ILE B 154 -22.54 1.60 7.17
C ILE B 154 -21.90 0.64 8.18
N GLY B 155 -21.46 -0.51 7.69
CA GLY B 155 -20.76 -1.48 8.52
C GLY B 155 -21.66 -2.47 9.24
N ILE B 156 -22.97 -2.23 9.20
CA ILE B 156 -23.91 -3.10 9.90
C ILE B 156 -25.06 -3.55 9.01
N ALA B 157 -24.78 -3.67 7.71
CA ALA B 157 -25.73 -4.20 6.73
C ALA B 157 -27.08 -3.48 6.73
N GLY B 158 -27.05 -2.16 6.60
CA GLY B 158 -28.26 -1.38 6.46
C GLY B 158 -28.93 -1.02 7.77
N LYS B 159 -28.65 -1.78 8.82
CA LYS B 159 -29.22 -1.54 10.14
C LYS B 159 -28.72 -0.22 10.70
N ALA B 160 -29.38 0.28 11.74
CA ALA B 160 -28.97 1.52 12.37
C ALA B 160 -29.19 1.47 13.88
N PHE B 161 -28.42 2.24 14.63
CA PHE B 161 -28.62 2.34 16.08
C PHE B 161 -28.17 3.68 16.64
N PHE B 162 -28.69 4.01 17.83
CA PHE B 162 -28.30 5.20 18.54
C PHE B 162 -28.51 5.00 20.04
N THR B 163 -27.90 5.87 20.84
CA THR B 163 -28.03 5.79 22.30
C THR B 163 -28.48 7.10 22.92
N LEU B 164 -29.33 7.01 23.94
CA LEU B 164 -29.80 8.19 24.66
C LEU B 164 -29.52 8.04 26.14
N THR B 165 -29.07 9.13 26.77
CA THR B 165 -28.74 9.09 28.19
C THR B 165 -29.50 10.15 28.99
N GLY B 166 -29.31 10.13 30.31
CA GLY B 166 -29.99 11.05 31.20
C GLY B 166 -30.38 10.37 32.50
N GLU B 167 -31.44 10.87 33.13
CA GLU B 167 -32.02 10.34 34.36
C GLU B 167 -32.80 9.08 34.08
N LEU B 168 -33.02 8.26 35.08
CA LEU B 168 -33.75 7.01 34.88
C LEU B 168 -35.13 7.25 34.28
N ALA B 169 -35.81 8.30 34.75
CA ALA B 169 -37.16 8.61 34.29
C ALA B 169 -37.16 9.27 32.92
N ASP B 170 -36.08 9.98 32.61
CA ASP B 170 -35.94 10.62 31.30
C ASP B 170 -35.83 9.56 30.20
N VAL B 171 -35.17 8.47 30.53
CA VAL B 171 -34.97 7.37 29.60
C VAL B 171 -36.27 6.59 29.36
N GLU B 172 -37.00 6.32 30.44
CA GLU B 172 -38.27 5.60 30.36
C GLU B 172 -39.25 6.25 29.39
N ALA B 173 -39.42 7.56 29.51
CA ALA B 173 -40.36 8.29 28.68
C ALA B 173 -39.91 8.29 27.23
N ALA B 174 -38.62 8.13 27.01
CA ALA B 174 -38.06 8.07 25.67
C ALA B 174 -38.35 6.71 25.03
N ALA B 175 -38.30 5.66 25.83
CA ALA B 175 -38.50 4.30 25.33
C ALA B 175 -39.92 4.07 24.82
N GLU B 176 -40.89 4.64 25.52
CA GLU B 176 -42.30 4.41 25.19
C GLU B 176 -42.74 5.15 23.94
N VAL B 177 -41.97 6.18 23.54
CA VAL B 177 -42.30 6.94 22.35
C VAL B 177 -41.45 6.48 21.17
N VAL B 178 -40.25 5.99 21.45
CA VAL B 178 -39.39 5.43 20.41
C VAL B 178 -40.03 4.15 19.88
N ARG B 179 -40.47 3.29 20.79
CA ARG B 179 -41.13 2.04 20.41
C ARG B 179 -42.46 2.32 19.71
N GLU B 180 -43.05 3.46 20.04
CA GLU B 180 -44.30 3.89 19.42
C GLU B 180 -44.09 4.34 17.98
N ARG B 181 -43.03 5.10 17.76
CA ARG B 181 -42.77 5.71 16.45
C ARG B 181 -42.16 4.71 15.47
N CYS B 182 -41.40 3.75 15.98
CA CYS B 182 -40.79 2.73 15.14
C CYS B 182 -41.83 1.75 14.60
N GLY B 183 -42.69 1.27 15.50
CA GLY B 183 -43.68 0.27 15.13
C GLY B 183 -43.01 -1.07 14.88
N ALA B 184 -43.18 -1.60 13.69
CA ALA B 184 -42.60 -2.89 13.33
C ALA B 184 -41.15 -2.74 12.88
N ARG B 185 -40.67 -1.50 12.86
CA ARG B 185 -39.30 -1.22 12.39
C ARG B 185 -38.27 -1.38 13.50
N LEU B 186 -38.72 -1.42 14.75
CA LEU B 186 -37.80 -1.58 15.87
C LEU B 186 -37.37 -3.04 16.05
N LEU B 187 -36.05 -3.27 16.01
CA LEU B 187 -35.51 -4.59 16.21
C LEU B 187 -35.56 -4.97 17.69
N GLU B 188 -34.74 -4.30 18.49
CA GLU B 188 -34.75 -4.52 19.94
C GLU B 188 -34.45 -3.23 20.68
N LEU B 189 -34.96 -3.11 21.90
CA LEU B 189 -34.75 -1.92 22.72
C LEU B 189 -34.33 -2.31 24.13
N ALA B 190 -33.05 -2.11 24.43
CA ALA B 190 -32.51 -2.44 25.75
C ALA B 190 -32.16 -1.17 26.52
N CYS B 191 -32.27 -1.25 27.84
CA CYS B 191 -31.95 -0.11 28.70
C CYS B 191 -31.13 -0.54 29.91
N ILE B 192 -30.21 0.34 30.33
CA ILE B 192 -29.37 0.09 31.48
C ILE B 192 -29.47 1.24 32.48
N ALA B 193 -30.11 0.97 33.62
CA ALA B 193 -30.37 2.00 34.61
C ALA B 193 -29.10 2.50 35.29
N ARG B 194 -28.26 1.56 35.74
CA ARG B 194 -27.02 1.92 36.41
C ARG B 194 -25.84 1.16 35.79
N PRO B 195 -25.29 1.69 34.69
CA PRO B 195 -24.18 1.05 33.97
C PRO B 195 -22.88 1.03 34.77
N VAL B 196 -21.96 0.15 34.36
CA VAL B 196 -20.65 0.05 34.99
C VAL B 196 -19.83 1.32 34.73
N ASP B 197 -19.00 1.69 35.69
CA ASP B 197 -18.20 2.91 35.59
C ASP B 197 -17.28 2.92 34.38
N GLU B 198 -16.76 1.75 34.03
CA GLU B 198 -15.84 1.61 32.90
C GLU B 198 -16.59 1.55 31.58
N LEU B 199 -17.92 1.51 31.66
CA LEU B 199 -18.76 1.42 30.47
C LEU B 199 -19.47 2.74 30.20
N ARG B 200 -19.32 3.68 31.12
CA ARG B 200 -19.91 5.00 30.97
C ARG B 200 -19.12 5.85 29.99
N GLY B 201 -19.71 6.13 28.84
CA GLY B 201 -19.07 6.97 27.84
C GLY B 201 -18.16 6.22 26.89
N ARG B 202 -18.31 4.90 26.86
CA ARG B 202 -17.53 4.05 25.97
C ARG B 202 -18.24 2.71 25.74
N LEU B 203 -19.23 2.71 24.87
CA LEU B 203 -20.04 1.53 24.61
C LEU B 203 -19.60 0.82 23.34
N PHE B 204 -18.78 1.52 22.54
CA PHE B 204 -18.28 0.98 21.29
C PHE B 204 -16.82 1.36 21.11
N PHE B 205 -15.95 0.36 21.01
CA PHE B 205 -14.52 0.60 20.92
C PHE B 205 -13.79 -0.62 20.37
N ARG C 7 39.85 4.29 -23.49
CA ARG C 7 38.96 3.23 -23.02
C ARG C 7 37.57 3.43 -23.58
N PHE C 8 36.79 4.30 -22.93
CA PHE C 8 35.44 4.62 -23.39
C PHE C 8 35.48 5.67 -24.50
N ASP C 9 36.64 5.83 -25.13
CA ASP C 9 36.80 6.81 -26.20
C ASP C 9 36.09 6.34 -27.48
N ALA C 10 36.37 7.03 -28.58
CA ALA C 10 35.74 6.68 -29.85
C ALA C 10 36.78 6.23 -30.88
N GLU C 16 46.39 2.75 -30.58
CA GLU C 16 45.66 1.52 -30.32
C GLU C 16 44.84 1.12 -31.55
N PRO C 17 44.71 -0.20 -31.78
CA PRO C 17 43.91 -0.72 -32.90
C PRO C 17 42.45 -0.31 -32.79
N ASP C 18 41.84 0.02 -33.92
CA ASP C 18 40.46 0.48 -33.95
C ASP C 18 39.51 -0.62 -33.45
N ARG C 19 38.71 -0.28 -32.45
CA ARG C 19 37.75 -1.23 -31.87
C ARG C 19 36.33 -0.69 -31.96
N PRO C 20 35.74 -0.72 -33.17
CA PRO C 20 34.42 -0.12 -33.40
C PRO C 20 33.26 -0.94 -32.84
N ALA C 21 33.54 -2.15 -32.36
CA ALA C 21 32.49 -3.03 -31.88
C ALA C 21 32.27 -2.90 -30.38
N LEU C 22 30.99 -2.92 -29.98
CA LEU C 22 30.62 -2.80 -28.57
C LEU C 22 29.76 -3.99 -28.13
N GLY C 23 30.22 -4.69 -27.11
CA GLY C 23 29.47 -5.78 -26.53
C GLY C 23 28.93 -5.41 -25.17
N VAL C 24 27.62 -5.56 -24.98
CA VAL C 24 26.99 -5.22 -23.72
C VAL C 24 26.23 -6.41 -23.15
N LEU C 25 26.46 -6.70 -21.88
CA LEU C 25 25.83 -7.84 -21.22
C LEU C 25 25.14 -7.45 -19.93
N GLU C 26 23.85 -7.76 -19.82
CA GLU C 26 23.10 -7.56 -18.59
C GLU C 26 22.84 -8.89 -17.90
N LEU C 27 23.54 -9.12 -16.79
CA LEU C 27 23.41 -10.36 -16.05
C LEU C 27 22.74 -10.12 -14.70
N THR C 28 21.76 -10.98 -14.37
CA THR C 28 20.98 -10.82 -13.14
C THR C 28 21.76 -11.24 -11.90
N SER C 29 22.96 -11.76 -12.11
CA SER C 29 23.82 -12.18 -11.00
C SER C 29 25.21 -11.57 -11.12
N ILE C 30 25.64 -10.92 -10.04
CA ILE C 30 26.95 -10.28 -10.01
C ILE C 30 28.06 -11.33 -9.95
N ALA C 31 27.79 -12.44 -9.25
CA ALA C 31 28.72 -13.55 -9.17
C ALA C 31 28.87 -14.20 -10.54
N ARG C 32 27.75 -14.49 -11.19
CA ARG C 32 27.75 -15.06 -12.53
C ARG C 32 28.38 -14.09 -13.51
N GLY C 33 28.18 -12.80 -13.26
CA GLY C 33 28.68 -11.75 -14.13
C GLY C 33 30.19 -11.74 -14.26
N ILE C 34 30.88 -11.92 -13.14
CA ILE C 34 32.34 -11.87 -13.12
C ILE C 34 32.94 -13.14 -13.72
N THR C 35 32.11 -14.19 -13.83
CA THR C 35 32.55 -15.44 -14.44
C THR C 35 32.42 -15.34 -15.96
N VAL C 36 31.39 -14.64 -16.41
CA VAL C 36 31.18 -14.40 -17.83
C VAL C 36 32.29 -13.53 -18.40
N ALA C 37 32.70 -12.52 -17.62
CA ALA C 37 33.76 -11.61 -18.04
C ALA C 37 35.10 -12.34 -18.18
N ASP C 38 35.31 -13.34 -17.33
CA ASP C 38 36.56 -14.11 -17.37
C ASP C 38 36.58 -15.06 -18.56
N ALA C 39 35.41 -15.56 -18.93
CA ALA C 39 35.29 -16.51 -20.03
C ALA C 39 35.37 -15.79 -21.38
N ALA C 40 34.89 -14.56 -21.41
CA ALA C 40 34.86 -13.78 -22.64
C ALA C 40 36.26 -13.34 -23.06
N LEU C 41 37.12 -13.13 -22.08
CA LEU C 41 38.47 -12.62 -22.35
C LEU C 41 39.47 -13.75 -22.60
N LYS C 42 39.13 -14.96 -22.18
CA LYS C 42 40.02 -16.10 -22.34
C LYS C 42 39.82 -16.78 -23.69
N ARG C 43 38.82 -16.32 -24.42
CA ARG C 43 38.51 -16.86 -25.71
C ARG C 43 38.72 -15.86 -26.80
N ALA C 44 38.83 -14.61 -26.43
CA ALA C 44 39.10 -13.51 -27.35
C ALA C 44 39.59 -12.28 -26.58
N PRO C 45 40.62 -11.60 -27.14
CA PRO C 45 41.27 -10.47 -26.48
C PRO C 45 40.54 -9.14 -26.65
N SER C 46 39.33 -9.04 -26.11
CA SER C 46 38.58 -7.78 -26.15
C SER C 46 39.04 -6.86 -25.01
N LEU C 47 38.65 -5.60 -25.10
CA LEU C 47 38.94 -4.64 -24.05
C LEU C 47 37.73 -4.52 -23.12
N LEU C 48 37.85 -5.00 -21.89
CA LEU C 48 36.75 -4.92 -20.94
C LEU C 48 36.58 -3.48 -20.47
N LEU C 49 35.53 -2.83 -20.94
CA LEU C 49 35.24 -1.45 -20.59
C LEU C 49 34.68 -1.35 -19.17
N MET C 50 33.78 -2.27 -18.84
CA MET C 50 33.01 -2.16 -17.61
C MET C 50 32.67 -3.49 -16.96
N SER C 51 32.85 -3.56 -15.64
CA SER C 51 32.38 -4.69 -14.84
C SER C 51 31.74 -4.12 -13.58
N ARG C 52 30.53 -3.60 -13.72
CA ARG C 52 29.92 -2.77 -12.67
C ARG C 52 28.54 -3.25 -12.24
N PRO C 53 28.38 -3.56 -10.94
CA PRO C 53 27.07 -3.85 -10.36
C PRO C 53 26.19 -2.61 -10.36
N VAL C 54 24.96 -2.74 -10.86
CA VAL C 54 24.06 -1.60 -10.93
C VAL C 54 22.82 -1.83 -10.07
N SER C 55 21.93 -0.86 -10.05
CA SER C 55 20.71 -0.94 -9.23
C SER C 55 19.86 -2.14 -9.62
N SER C 56 18.97 -2.54 -8.71
CA SER C 56 18.14 -3.74 -8.83
C SER C 56 18.99 -5.00 -8.82
N GLY C 57 20.20 -4.89 -8.30
CA GLY C 57 21.06 -6.04 -8.09
C GLY C 57 21.50 -6.76 -9.35
N LYS C 58 21.55 -6.04 -10.45
CA LYS C 58 21.99 -6.61 -11.72
C LYS C 58 23.47 -6.31 -11.96
N HIS C 59 24.07 -7.05 -12.88
CA HIS C 59 25.46 -6.83 -13.24
C HIS C 59 25.57 -6.43 -14.71
N LEU C 60 26.39 -5.44 -14.99
CA LEU C 60 26.51 -4.91 -16.35
C LEU C 60 27.92 -5.07 -16.89
N LEU C 61 28.04 -5.75 -18.02
CA LEU C 61 29.33 -5.94 -18.68
C LEU C 61 29.39 -5.20 -20.01
N MET C 62 30.46 -4.46 -20.23
CA MET C 62 30.71 -3.80 -21.50
C MET C 62 32.11 -4.10 -22.00
N MET C 63 32.20 -4.61 -23.23
CA MET C 63 33.50 -4.93 -23.82
C MET C 63 33.69 -4.20 -25.14
N ARG C 64 34.94 -4.07 -25.55
CA ARG C 64 35.28 -3.33 -26.76
C ARG C 64 36.42 -4.01 -27.51
N GLY C 65 36.24 -4.19 -28.81
CA GLY C 65 37.24 -4.84 -29.62
C GLY C 65 36.85 -4.81 -31.09
N GLN C 66 37.53 -5.60 -31.91
CA GLN C 66 37.16 -5.72 -33.30
C GLN C 66 35.90 -6.58 -33.38
N VAL C 67 35.18 -6.47 -34.50
CA VAL C 67 33.94 -7.21 -34.69
C VAL C 67 34.11 -8.70 -34.42
N ALA C 68 35.23 -9.25 -34.90
CA ALA C 68 35.54 -10.66 -34.69
C ALA C 68 35.90 -10.94 -33.24
N GLU C 69 36.56 -9.98 -32.58
CA GLU C 69 36.95 -10.13 -31.18
C GLU C 69 35.74 -10.17 -30.27
N VAL C 70 34.82 -9.23 -30.47
CA VAL C 70 33.61 -9.15 -29.66
C VAL C 70 32.70 -10.34 -29.96
N GLU C 71 32.52 -10.62 -31.24
CA GLU C 71 31.67 -11.73 -31.68
C GLU C 71 32.07 -13.05 -31.03
N GLU C 72 33.37 -13.29 -30.94
CA GLU C 72 33.90 -14.51 -30.35
C GLU C 72 33.76 -14.50 -28.82
N SER C 73 33.86 -13.32 -28.23
CA SER C 73 33.75 -13.17 -26.78
C SER C 73 32.32 -13.38 -26.28
N MET C 74 31.36 -12.92 -27.07
CA MET C 74 29.96 -13.00 -26.69
C MET C 74 29.44 -14.44 -26.78
N ILE C 75 30.08 -15.24 -27.62
CA ILE C 75 29.74 -16.65 -27.75
C ILE C 75 30.09 -17.41 -26.46
N ALA C 76 31.28 -17.17 -25.95
CA ALA C 76 31.71 -17.75 -24.68
C ALA C 76 30.89 -17.18 -23.53
N ALA C 77 30.41 -15.95 -23.72
CA ALA C 77 29.59 -15.29 -22.71
C ALA C 77 28.22 -15.97 -22.59
N ARG C 78 27.55 -16.16 -23.72
CA ARG C 78 26.21 -16.74 -23.73
C ARG C 78 26.19 -18.18 -23.26
N GLU C 79 27.34 -18.85 -23.32
CA GLU C 79 27.46 -20.22 -22.83
C GLU C 79 27.43 -20.25 -21.31
N ILE C 80 28.14 -19.32 -20.69
CA ILE C 80 28.23 -19.26 -19.24
C ILE C 80 27.01 -18.56 -18.63
N ALA C 81 26.49 -17.57 -19.35
CA ALA C 81 25.35 -16.78 -18.88
C ALA C 81 24.10 -17.64 -18.72
N GLY C 82 24.00 -18.71 -19.49
CA GLY C 82 22.86 -19.61 -19.41
C GLY C 82 23.25 -21.00 -18.94
N ALA C 83 24.43 -21.11 -18.36
CA ALA C 83 24.97 -22.39 -17.89
C ALA C 83 24.07 -23.03 -16.84
N GLY C 84 23.71 -22.25 -15.82
CA GLY C 84 22.84 -22.74 -14.76
C GLY C 84 21.40 -22.87 -15.24
N SER C 85 20.53 -22.04 -14.69
CA SER C 85 19.14 -22.01 -15.12
C SER C 85 18.79 -20.64 -15.68
N GLY C 86 19.77 -19.99 -16.31
CA GLY C 86 19.57 -18.69 -16.91
C GLY C 86 19.97 -17.54 -16.01
N ALA C 87 20.70 -16.58 -16.58
CA ALA C 87 21.18 -15.43 -15.83
C ALA C 87 21.40 -14.22 -16.74
N LEU C 88 21.03 -14.36 -18.00
CA LEU C 88 21.20 -13.27 -18.97
C LEU C 88 19.88 -12.56 -19.24
N LEU C 89 19.77 -11.33 -18.76
CA LEU C 89 18.56 -10.54 -18.95
C LEU C 89 18.44 -10.07 -20.39
N ASP C 90 19.50 -9.46 -20.90
CA ASP C 90 19.52 -8.97 -22.27
C ASP C 90 20.95 -8.85 -22.81
N GLU C 91 21.13 -8.74 -24.10
CA GLU C 91 22.46 -8.61 -24.66
C GLU C 91 22.49 -7.68 -25.84
N LEU C 92 23.65 -7.15 -26.12
CA LEU C 92 23.86 -6.20 -27.21
C LEU C 92 25.18 -6.48 -27.95
N GLU C 93 25.15 -6.30 -29.27
CA GLU C 93 26.34 -6.45 -30.09
C GLU C 93 26.29 -5.49 -31.28
N LEU C 94 27.02 -4.38 -31.17
CA LEU C 94 27.05 -3.37 -32.22
C LEU C 94 28.40 -3.34 -32.93
N PRO C 95 28.47 -3.91 -34.14
CA PRO C 95 29.70 -3.99 -34.94
C PRO C 95 30.37 -2.64 -35.16
N TYR C 96 29.57 -1.62 -35.47
CA TYR C 96 30.09 -0.28 -35.68
C TYR C 96 29.23 0.76 -34.97
N ALA C 97 29.49 0.96 -33.69
CA ALA C 97 28.74 1.91 -32.89
C ALA C 97 29.10 3.35 -33.24
N HIS C 98 28.11 4.24 -33.14
CA HIS C 98 28.30 5.65 -33.45
C HIS C 98 29.31 6.30 -32.50
N GLU C 99 29.88 7.42 -32.91
CA GLU C 99 30.93 8.08 -32.14
C GLU C 99 30.39 8.77 -30.90
N GLN C 100 29.19 9.34 -30.99
CA GLN C 100 28.60 10.06 -29.87
C GLN C 100 28.23 9.13 -28.72
N LEU C 101 28.15 7.83 -29.00
CA LEU C 101 27.61 6.87 -28.06
C LEU C 101 28.63 6.39 -27.03
N TRP C 102 29.88 6.83 -27.18
CA TRP C 102 30.97 6.29 -26.37
C TRP C 102 31.14 6.96 -25.01
N ARG C 103 30.98 8.27 -24.96
CA ARG C 103 31.20 9.01 -23.71
C ARG C 103 29.96 9.02 -22.82
N PHE C 104 28.98 8.19 -23.15
CA PHE C 104 27.75 8.09 -22.38
C PHE C 104 27.58 6.73 -21.73
N LEU C 105 28.64 5.92 -21.76
CA LEU C 105 28.56 4.54 -21.26
C LEU C 105 29.11 4.38 -19.86
N ASP C 106 30.08 5.21 -19.49
CA ASP C 106 30.75 5.09 -18.20
C ASP C 106 29.85 5.54 -17.05
N ALA C 107 29.50 6.83 -17.06
CA ALA C 107 28.67 7.41 -16.00
C ALA C 107 27.47 8.13 -16.59
N PRO C 108 26.41 8.31 -15.78
CA PRO C 108 25.25 9.09 -16.24
C PRO C 108 25.65 10.51 -16.63
N VAL C 109 25.11 10.99 -17.76
CA VAL C 109 25.46 12.31 -18.25
C VAL C 109 24.23 13.22 -18.31
N VAL C 110 24.35 14.39 -17.68
CA VAL C 110 23.28 15.38 -17.71
C VAL C 110 23.70 16.61 -18.50
N ALA C 111 22.87 17.02 -19.45
CA ALA C 111 23.16 18.19 -20.28
C ALA C 111 22.91 19.48 -19.51
N ASP C 112 23.85 20.42 -19.63
CA ASP C 112 23.74 21.70 -18.93
C ASP C 112 22.85 22.66 -19.71
N ALA C 113 23.12 22.79 -21.01
CA ALA C 113 22.34 23.66 -21.88
C ALA C 113 22.42 23.18 -23.32
N TRP C 114 21.52 23.67 -24.16
CA TRP C 114 21.48 23.27 -25.56
C TRP C 114 22.13 24.33 -26.45
N GLU C 115 22.40 23.97 -27.70
CA GLU C 115 23.08 24.85 -28.64
C GLU C 115 22.08 25.68 -29.44
N GLU C 119 14.61 24.24 -31.30
CA GLU C 119 15.01 22.84 -31.23
C GLU C 119 13.91 21.98 -30.61
N SER C 120 14.00 20.68 -30.83
CA SER C 120 13.06 19.72 -30.25
C SER C 120 13.81 18.69 -29.42
N VAL C 121 13.08 17.83 -28.73
CA VAL C 121 13.70 16.81 -27.90
C VAL C 121 12.84 15.55 -27.83
N ILE C 122 13.49 14.38 -27.85
CA ILE C 122 12.79 13.13 -27.62
C ILE C 122 13.41 12.39 -26.43
N ILE C 123 12.55 11.91 -25.54
CA ILE C 123 12.99 11.19 -24.36
C ILE C 123 12.52 9.75 -24.42
N VAL C 124 13.45 8.81 -24.31
CA VAL C 124 13.12 7.40 -24.44
C VAL C 124 13.36 6.65 -23.14
N GLU C 125 12.33 5.95 -22.67
CA GLU C 125 12.43 5.13 -21.46
C GLU C 125 12.41 3.65 -21.84
N THR C 126 13.46 2.94 -21.43
CA THR C 126 13.60 1.52 -21.79
C THR C 126 13.70 0.62 -20.57
N ALA C 127 13.25 -0.62 -20.73
CA ALA C 127 13.25 -1.59 -19.63
C ALA C 127 14.66 -2.06 -19.29
N THR C 128 15.45 -2.35 -20.32
CA THR C 128 16.83 -2.81 -20.13
C THR C 128 17.83 -1.78 -20.65
N VAL C 129 19.08 -1.91 -20.22
CA VAL C 129 20.14 -1.02 -20.66
C VAL C 129 20.52 -1.32 -22.11
N CYS C 130 20.47 -2.60 -22.47
CA CYS C 130 20.79 -3.02 -23.84
C CYS C 130 19.80 -2.44 -24.84
N ALA C 131 18.58 -2.17 -24.39
CA ALA C 131 17.57 -1.58 -25.25
C ALA C 131 17.85 -0.10 -25.50
N ALA C 132 18.41 0.56 -24.50
CA ALA C 132 18.69 1.99 -24.59
C ALA C 132 19.84 2.29 -25.54
N ILE C 133 20.97 1.63 -25.30
CA ILE C 133 22.17 1.85 -26.12
C ILE C 133 21.94 1.42 -27.56
N ASP C 134 21.14 0.37 -27.74
CA ASP C 134 20.83 -0.15 -29.07
C ASP C 134 19.99 0.84 -29.86
N SER C 135 18.95 1.37 -29.21
CA SER C 135 18.05 2.31 -29.86
C SER C 135 18.71 3.66 -30.10
N ALA C 136 19.57 4.07 -29.18
CA ALA C 136 20.30 5.32 -29.32
C ALA C 136 21.26 5.23 -30.51
N ASP C 137 21.88 4.06 -30.66
CA ASP C 137 22.77 3.81 -31.79
C ASP C 137 22.03 3.90 -33.11
N ALA C 138 20.89 3.23 -33.18
CA ALA C 138 20.07 3.21 -34.38
C ALA C 138 19.52 4.59 -34.72
N ALA C 139 19.07 5.31 -33.69
CA ALA C 139 18.49 6.64 -33.88
C ALA C 139 19.53 7.64 -34.39
N LEU C 140 20.76 7.52 -33.90
CA LEU C 140 21.83 8.43 -34.28
C LEU C 140 22.24 8.28 -35.75
N LYS C 141 22.08 7.08 -36.28
CA LYS C 141 22.56 6.77 -37.63
C LYS C 141 21.54 7.08 -38.73
N THR C 142 20.33 7.47 -38.32
CA THR C 142 19.26 7.68 -39.29
C THR C 142 18.96 9.15 -39.53
N ALA C 143 19.33 10.00 -38.58
CA ALA C 143 19.06 11.42 -38.68
C ALA C 143 20.04 12.24 -37.85
N PRO C 144 20.35 13.47 -38.30
CA PRO C 144 21.24 14.38 -37.58
C PRO C 144 20.70 14.78 -36.21
N VAL C 145 20.68 13.83 -35.27
CA VAL C 145 20.25 14.10 -33.91
C VAL C 145 21.44 14.09 -32.96
N VAL C 146 21.35 14.86 -31.87
CA VAL C 146 22.45 14.97 -30.92
C VAL C 146 22.11 14.32 -29.59
N LEU C 147 22.97 13.40 -29.15
CA LEU C 147 22.78 12.74 -27.86
C LEU C 147 23.11 13.69 -26.72
N ARG C 148 22.16 13.89 -25.81
CA ARG C 148 22.29 14.85 -24.73
C ARG C 148 22.44 14.21 -23.35
N ASP C 149 21.43 13.41 -22.96
CA ASP C 149 21.44 12.78 -21.64
C ASP C 149 21.34 11.27 -21.74
N MET C 150 21.77 10.59 -20.68
CA MET C 150 21.66 9.13 -20.60
C MET C 150 21.94 8.65 -19.17
N ARG C 151 21.01 7.88 -18.62
CA ARG C 151 21.23 7.22 -17.34
C ARG C 151 20.91 5.74 -17.47
N LEU C 152 21.88 4.89 -17.12
CA LEU C 152 21.75 3.45 -17.32
C LEU C 152 21.66 2.68 -16.00
N ALA C 153 20.46 2.16 -15.72
CA ALA C 153 20.20 1.29 -14.58
C ALA C 153 20.38 1.96 -13.22
N ILE C 154 21.54 2.56 -12.98
CA ILE C 154 21.89 3.09 -11.67
C ILE C 154 20.95 4.21 -11.21
N GLY C 155 20.35 4.03 -10.05
CA GLY C 155 19.49 5.03 -9.46
C GLY C 155 18.03 4.94 -9.89
N ILE C 156 17.76 4.14 -10.91
CA ILE C 156 16.39 4.01 -11.42
C ILE C 156 15.95 2.56 -11.58
N ALA C 157 16.34 1.72 -10.62
CA ALA C 157 15.86 0.33 -10.50
C ALA C 157 16.15 -0.53 -11.72
N GLY C 158 17.24 -0.24 -12.43
CA GLY C 158 17.65 -1.06 -13.55
C GLY C 158 17.17 -0.56 -14.90
N LYS C 159 16.16 0.31 -14.88
CA LYS C 159 15.64 0.90 -16.12
C LYS C 159 16.67 1.86 -16.70
N ALA C 160 16.46 2.27 -17.95
CA ALA C 160 17.42 3.15 -18.62
C ALA C 160 16.72 4.15 -19.54
N PHE C 161 17.28 5.35 -19.62
CA PHE C 161 16.71 6.37 -20.49
C PHE C 161 17.76 7.27 -21.12
N PHE C 162 17.33 8.04 -22.12
CA PHE C 162 18.21 8.99 -22.79
C PHE C 162 17.39 10.05 -23.53
N THR C 163 18.05 11.13 -23.92
CA THR C 163 17.38 12.22 -24.64
C THR C 163 18.15 12.58 -25.91
N LEU C 164 17.40 12.84 -26.98
CA LEU C 164 17.98 13.26 -28.26
C LEU C 164 17.35 14.57 -28.71
N THR C 165 18.17 15.44 -29.30
CA THR C 165 17.66 16.72 -29.82
C THR C 165 17.99 16.89 -31.29
N GLY C 166 17.35 17.87 -31.92
CA GLY C 166 17.56 18.15 -33.33
C GLY C 166 16.33 18.77 -33.96
N GLU C 167 16.30 18.78 -35.29
CA GLU C 167 15.14 19.30 -36.02
C GLU C 167 13.90 18.48 -35.68
N LEU C 168 12.73 19.12 -35.75
CA LEU C 168 11.49 18.47 -35.37
C LEU C 168 11.20 17.24 -36.20
N ALA C 169 11.32 17.38 -37.52
CA ALA C 169 11.08 16.27 -38.42
C ALA C 169 12.14 15.17 -38.25
N ASP C 170 13.35 15.59 -37.86
CA ASP C 170 14.46 14.66 -37.70
C ASP C 170 14.32 13.81 -36.44
N VAL C 171 13.98 14.44 -35.32
CA VAL C 171 13.83 13.73 -34.06
C VAL C 171 12.64 12.79 -34.12
N GLU C 172 11.68 13.08 -34.99
CA GLU C 172 10.52 12.23 -35.16
C GLU C 172 10.83 11.07 -36.10
N ALA C 173 11.86 11.25 -36.91
CA ALA C 173 12.36 10.18 -37.77
C ALA C 173 13.23 9.23 -36.96
N ALA C 174 13.88 9.78 -35.93
CA ALA C 174 14.72 8.99 -35.04
C ALA C 174 13.86 8.22 -34.04
N ALA C 175 12.72 8.80 -33.69
CA ALA C 175 11.81 8.19 -32.73
C ALA C 175 11.16 6.94 -33.31
N GLU C 176 10.88 6.96 -34.61
CA GLU C 176 10.26 5.84 -35.28
C GLU C 176 11.23 4.66 -35.34
N VAL C 177 12.52 4.97 -35.41
CA VAL C 177 13.56 3.95 -35.41
C VAL C 177 13.73 3.33 -34.03
N VAL C 178 13.67 4.17 -33.01
CA VAL C 178 13.74 3.71 -31.62
C VAL C 178 12.60 2.75 -31.32
N ARG C 179 11.42 3.07 -31.83
CA ARG C 179 10.22 2.27 -31.64
C ARG C 179 10.43 0.83 -32.10
N GLU C 180 11.02 0.68 -33.28
CA GLU C 180 11.22 -0.63 -33.89
C GLU C 180 12.34 -1.43 -33.24
N ARG C 181 13.44 -0.75 -32.93
CA ARG C 181 14.61 -1.41 -32.35
C ARG C 181 14.37 -1.88 -30.92
N CYS C 182 13.49 -1.18 -30.22
CA CYS C 182 13.17 -1.52 -28.83
C CYS C 182 12.16 -2.66 -28.73
N GLY C 183 11.14 -2.62 -29.56
CA GLY C 183 10.09 -3.63 -29.54
C GLY C 183 9.26 -3.55 -28.27
N ALA C 184 9.32 -4.60 -27.47
CA ALA C 184 8.55 -4.66 -26.23
C ALA C 184 9.35 -4.09 -25.06
N ARG C 185 10.60 -3.76 -25.31
CA ARG C 185 11.48 -3.22 -24.28
C ARG C 185 11.26 -1.72 -24.09
N LEU C 186 10.46 -1.12 -24.97
CA LEU C 186 10.17 0.30 -24.89
C LEU C 186 9.08 0.58 -23.85
N LEU C 187 9.44 1.33 -22.81
CA LEU C 187 8.50 1.67 -21.76
C LEU C 187 7.68 2.91 -22.13
N GLU C 188 8.35 3.91 -22.67
CA GLU C 188 7.69 5.16 -23.04
C GLU C 188 8.57 6.01 -23.95
N LEU C 189 7.93 6.68 -24.91
CA LEU C 189 8.63 7.63 -25.77
C LEU C 189 7.89 8.97 -25.80
N ALA C 190 8.62 10.05 -25.52
CA ALA C 190 8.03 11.38 -25.49
C ALA C 190 8.73 12.31 -26.46
N CYS C 191 7.96 12.94 -27.33
CA CYS C 191 8.51 13.87 -28.31
C CYS C 191 7.94 15.27 -28.12
N ILE C 192 8.73 16.14 -27.51
CA ILE C 192 8.33 17.52 -27.27
C ILE C 192 8.87 18.43 -28.39
N ALA C 193 7.95 18.96 -29.19
CA ALA C 193 8.31 19.75 -30.37
C ALA C 193 8.94 21.08 -30.00
N ARG C 194 8.45 21.68 -28.92
CA ARG C 194 8.93 22.98 -28.50
C ARG C 194 8.95 23.07 -26.97
N PRO C 195 10.09 22.71 -26.36
CA PRO C 195 10.24 22.76 -24.90
C PRO C 195 10.09 24.16 -24.35
N VAL C 196 9.58 24.28 -23.12
CA VAL C 196 9.47 25.58 -22.47
C VAL C 196 10.88 26.06 -22.14
N ASP C 197 11.08 27.37 -22.18
CA ASP C 197 12.42 27.95 -22.05
C ASP C 197 13.10 27.65 -20.73
N GLU C 198 12.31 27.38 -19.69
CA GLU C 198 12.87 27.03 -18.38
C GLU C 198 13.30 25.58 -18.32
N LEU C 199 13.14 24.86 -19.43
CA LEU C 199 13.45 23.44 -19.46
C LEU C 199 14.42 23.08 -20.59
N ARG C 200 14.65 24.03 -21.51
CA ARG C 200 15.59 23.81 -22.60
C ARG C 200 17.02 23.65 -22.08
N GLY C 201 17.50 22.42 -22.06
CA GLY C 201 18.83 22.13 -21.54
C GLY C 201 18.74 21.24 -20.32
N ARG C 202 18.68 21.86 -19.14
CA ARG C 202 18.59 21.13 -17.89
C ARG C 202 17.21 20.48 -17.73
N LEU C 203 17.09 19.24 -18.19
CA LEU C 203 15.85 18.49 -18.07
C LEU C 203 15.77 17.77 -16.73
N PHE C 204 16.90 17.71 -16.03
CA PHE C 204 16.96 17.04 -14.73
C PHE C 204 17.76 17.87 -13.73
N PHE C 205 17.13 18.17 -12.60
CA PHE C 205 17.75 19.00 -11.58
C PHE C 205 17.05 18.80 -10.23
N ASP D 18 2.18 -4.51 -23.05
CA ASP D 18 1.95 -5.56 -24.03
C ASP D 18 1.00 -6.62 -23.49
N ARG D 19 0.25 -6.27 -22.45
CA ARG D 19 -0.67 -7.19 -21.80
C ARG D 19 -2.11 -6.73 -21.98
N PRO D 20 -2.78 -7.22 -23.04
CA PRO D 20 -4.11 -6.73 -23.43
C PRO D 20 -5.28 -7.42 -22.74
N ALA D 21 -5.12 -8.67 -22.33
CA ALA D 21 -6.24 -9.46 -21.84
C ALA D 21 -6.53 -9.26 -20.36
N LEU D 22 -7.80 -9.38 -19.99
CA LEU D 22 -8.24 -9.24 -18.60
C LEU D 22 -9.13 -10.41 -18.18
N GLY D 23 -8.75 -11.09 -17.10
CA GLY D 23 -9.52 -12.21 -16.60
C GLY D 23 -10.02 -11.96 -15.20
N VAL D 24 -11.33 -12.08 -15.01
CA VAL D 24 -11.94 -11.82 -13.72
C VAL D 24 -12.68 -13.06 -13.21
N LEU D 25 -12.63 -13.28 -11.89
CA LEU D 25 -13.26 -14.43 -11.28
C LEU D 25 -13.96 -14.07 -9.98
N GLU D 26 -15.21 -14.53 -9.83
CA GLU D 26 -15.95 -14.34 -8.59
C GLU D 26 -16.28 -15.68 -7.94
N LEU D 27 -15.60 -15.95 -6.83
CA LEU D 27 -15.78 -17.23 -6.14
C LEU D 27 -16.50 -17.06 -4.81
N THR D 28 -17.31 -18.06 -4.45
CA THR D 28 -18.10 -18.01 -3.23
C THR D 28 -17.20 -18.14 -1.99
N SER D 29 -16.16 -18.97 -2.12
CA SER D 29 -15.26 -19.23 -1.00
C SER D 29 -13.96 -18.43 -1.10
N ILE D 30 -13.52 -17.90 0.03
CA ILE D 30 -12.26 -17.15 0.08
C ILE D 30 -11.08 -18.10 0.02
N ALA D 31 -11.26 -19.29 0.57
CA ALA D 31 -10.21 -20.32 0.56
C ALA D 31 -10.01 -20.87 -0.85
N ARG D 32 -11.11 -21.05 -1.57
CA ARG D 32 -11.06 -21.49 -2.96
C ARG D 32 -10.35 -20.47 -3.84
N GLY D 33 -10.59 -19.19 -3.55
CA GLY D 33 -10.01 -18.10 -4.31
C GLY D 33 -8.50 -18.08 -4.24
N ILE D 34 -7.96 -18.47 -3.09
CA ILE D 34 -6.51 -18.58 -2.91
C ILE D 34 -5.99 -19.81 -3.65
N THR D 35 -6.79 -20.87 -3.64
CA THR D 35 -6.42 -22.12 -4.31
C THR D 35 -6.42 -21.95 -5.82
N VAL D 36 -7.48 -21.33 -6.34
CA VAL D 36 -7.63 -21.13 -7.78
C VAL D 36 -6.53 -20.25 -8.35
N ALA D 37 -6.28 -19.11 -7.70
CA ALA D 37 -5.27 -18.16 -8.15
C ALA D 37 -3.86 -18.76 -8.13
N ASP D 38 -3.70 -19.82 -7.34
CA ASP D 38 -2.40 -20.47 -7.22
C ASP D 38 -2.02 -21.24 -8.47
N ALA D 39 -2.85 -22.21 -8.85
CA ALA D 39 -2.54 -23.06 -9.99
C ALA D 39 -2.84 -22.36 -11.32
N ALA D 40 -3.61 -21.28 -11.26
CA ALA D 40 -3.87 -20.48 -12.45
C ALA D 40 -2.59 -19.78 -12.90
N LEU D 41 -1.74 -19.46 -11.94
CA LEU D 41 -0.47 -18.81 -12.22
C LEU D 41 0.65 -19.83 -12.41
N LYS D 42 0.36 -21.09 -12.14
CA LYS D 42 1.35 -22.16 -12.29
C LYS D 42 1.28 -22.80 -13.67
N ARG D 43 0.21 -22.53 -14.41
CA ARG D 43 0.09 -23.03 -15.78
C ARG D 43 0.49 -21.97 -16.80
N ALA D 44 0.08 -20.73 -16.56
CA ALA D 44 0.43 -19.62 -17.44
C ALA D 44 0.86 -18.40 -16.64
N PRO D 45 1.88 -17.67 -17.14
CA PRO D 45 2.44 -16.50 -16.45
C PRO D 45 1.52 -15.28 -16.48
N SER D 46 0.27 -15.44 -16.03
CA SER D 46 -0.64 -14.31 -15.93
C SER D 46 -0.32 -13.48 -14.70
N LEU D 47 -0.30 -12.16 -14.86
CA LEU D 47 -0.02 -11.26 -13.74
C LEU D 47 -1.27 -11.05 -12.89
N LEU D 48 -1.21 -11.48 -11.64
CA LEU D 48 -2.34 -11.35 -10.72
C LEU D 48 -2.54 -9.91 -10.26
N LEU D 49 -3.67 -9.33 -10.62
CA LEU D 49 -3.97 -7.95 -10.27
C LEU D 49 -4.42 -7.81 -8.82
N MET D 50 -5.22 -8.77 -8.36
CA MET D 50 -5.70 -8.73 -6.98
C MET D 50 -6.24 -10.08 -6.50
N SER D 51 -6.18 -10.26 -5.18
CA SER D 51 -6.81 -11.39 -4.51
C SER D 51 -7.58 -10.86 -3.31
N ARG D 52 -8.79 -10.37 -3.57
CA ARG D 52 -9.50 -9.54 -2.60
C ARG D 52 -10.78 -10.17 -2.06
N PRO D 53 -10.87 -10.32 -0.74
CA PRO D 53 -12.13 -10.70 -0.08
C PRO D 53 -13.09 -9.51 -0.08
N VAL D 54 -14.26 -9.67 -0.62
CA VAL D 54 -15.19 -8.58 -0.74
C VAL D 54 -16.46 -8.74 0.05
N SER D 55 -17.29 -7.70 0.05
CA SER D 55 -18.56 -7.74 0.79
C SER D 55 -19.46 -8.84 0.30
N SER D 56 -20.09 -9.52 1.23
CA SER D 56 -20.98 -10.66 1.03
C SER D 56 -20.23 -11.98 1.26
N GLY D 57 -18.95 -11.88 1.59
CA GLY D 57 -18.14 -13.05 1.82
C GLY D 57 -17.53 -13.64 0.57
N LYS D 58 -17.77 -13.02 -0.58
CA LYS D 58 -17.16 -13.53 -1.81
C LYS D 58 -15.69 -13.16 -1.91
N HIS D 59 -14.99 -13.77 -2.86
CA HIS D 59 -13.58 -13.50 -3.08
C HIS D 59 -13.31 -13.14 -4.54
N LEU D 60 -12.75 -11.96 -4.76
CA LEU D 60 -12.56 -11.44 -6.10
C LEU D 60 -11.13 -11.67 -6.61
N LEU D 61 -11.02 -12.17 -7.84
CA LEU D 61 -9.72 -12.38 -8.48
C LEU D 61 -9.66 -11.66 -9.83
N MET D 62 -8.53 -11.01 -10.10
CA MET D 62 -8.32 -10.36 -11.39
C MET D 62 -6.89 -10.61 -11.88
N MET D 63 -6.76 -10.95 -13.15
CA MET D 63 -5.44 -11.21 -13.72
C MET D 63 -5.26 -10.46 -15.04
N ARG D 64 -4.01 -10.31 -15.46
CA ARG D 64 -3.68 -9.57 -16.66
C ARG D 64 -2.44 -10.14 -17.35
N GLY D 65 -2.48 -10.19 -18.68
CA GLY D 65 -1.35 -10.69 -19.45
C GLY D 65 -1.69 -10.80 -20.92
N GLN D 66 -0.99 -11.71 -21.62
CA GLN D 66 -1.27 -11.97 -23.02
C GLN D 66 -2.59 -12.69 -23.16
N VAL D 67 -3.19 -12.62 -24.35
CA VAL D 67 -4.47 -13.26 -24.61
C VAL D 67 -4.41 -14.77 -24.37
N ALA D 68 -3.24 -15.35 -24.65
CA ALA D 68 -3.05 -16.78 -24.49
C ALA D 68 -2.71 -17.14 -23.03
N GLU D 69 -2.06 -16.22 -22.34
CA GLU D 69 -1.72 -16.42 -20.94
C GLU D 69 -2.98 -16.49 -20.08
N VAL D 70 -3.84 -15.48 -20.24
CA VAL D 70 -5.07 -15.41 -19.46
C VAL D 70 -6.01 -16.55 -19.82
N GLU D 71 -6.06 -16.89 -21.10
CA GLU D 71 -6.92 -17.97 -21.58
C GLU D 71 -6.56 -19.30 -20.93
N GLU D 72 -5.26 -19.56 -20.81
CA GLU D 72 -4.76 -20.80 -20.21
C GLU D 72 -5.00 -20.81 -18.70
N SER D 73 -4.83 -19.64 -18.08
CA SER D 73 -5.02 -19.51 -16.64
C SER D 73 -6.49 -19.65 -16.24
N MET D 74 -7.38 -19.11 -17.07
CA MET D 74 -8.81 -19.18 -16.81
C MET D 74 -9.32 -20.61 -16.92
N ILE D 75 -8.70 -21.39 -17.79
CA ILE D 75 -9.04 -22.81 -17.91
C ILE D 75 -8.68 -23.54 -16.62
N ALA D 76 -7.49 -23.27 -16.12
CA ALA D 76 -7.02 -23.86 -14.88
C ALA D 76 -7.78 -23.30 -13.68
N ALA D 77 -8.50 -22.21 -13.90
CA ALA D 77 -9.26 -21.57 -12.83
C ALA D 77 -10.61 -22.25 -12.60
N ARG D 78 -11.31 -22.53 -13.70
CA ARG D 78 -12.63 -23.14 -13.65
C ARG D 78 -12.59 -24.58 -13.11
N GLU D 79 -11.57 -25.33 -13.53
CA GLU D 79 -11.47 -26.74 -13.17
C GLU D 79 -11.31 -26.94 -11.67
N ILE D 80 -10.60 -26.03 -11.01
CA ILE D 80 -10.41 -26.10 -9.57
C ILE D 80 -11.67 -25.61 -8.87
N ALA D 81 -12.31 -24.61 -9.45
CA ALA D 81 -13.56 -24.08 -8.94
C ALA D 81 -14.72 -25.00 -9.30
N GLY D 82 -14.60 -26.27 -8.93
CA GLY D 82 -15.62 -27.26 -9.21
C GLY D 82 -15.39 -28.52 -8.39
N ALA D 83 -16.26 -28.72 -7.40
CA ALA D 83 -16.15 -29.87 -6.51
C ALA D 83 -17.50 -30.20 -5.87
N GLY D 86 -19.36 -27.07 -6.23
CA GLY D 86 -18.96 -25.88 -6.97
C GLY D 86 -18.88 -24.66 -6.09
N ALA D 87 -17.91 -23.79 -6.37
CA ALA D 87 -17.71 -22.58 -5.59
C ALA D 87 -17.63 -21.34 -6.47
N LEU D 88 -17.83 -21.53 -7.78
CA LEU D 88 -17.78 -20.42 -8.72
C LEU D 88 -19.17 -19.81 -8.91
N LEU D 89 -19.21 -18.49 -8.98
CA LEU D 89 -20.47 -17.78 -9.19
C LEU D 89 -20.56 -17.23 -10.61
N ASP D 90 -19.60 -16.37 -10.96
CA ASP D 90 -19.57 -15.76 -12.28
C ASP D 90 -18.14 -15.65 -12.77
N GLU D 91 -17.97 -15.43 -14.07
CA GLU D 91 -16.64 -15.31 -14.65
C GLU D 91 -16.64 -14.35 -15.84
N LEU D 92 -15.44 -13.88 -16.19
CA LEU D 92 -15.28 -12.98 -17.33
C LEU D 92 -13.89 -13.08 -17.92
N GLU D 93 -13.81 -13.05 -19.24
CA GLU D 93 -12.53 -13.03 -19.94
C GLU D 93 -12.59 -12.03 -21.10
N LEU D 94 -11.87 -10.93 -20.95
CA LEU D 94 -11.80 -9.91 -21.99
C LEU D 94 -10.47 -9.98 -22.71
N PRO D 95 -10.46 -10.52 -23.95
CA PRO D 95 -9.24 -10.65 -24.75
C PRO D 95 -8.56 -9.31 -24.98
N TYR D 96 -9.36 -8.25 -25.09
CA TYR D 96 -8.84 -6.90 -25.30
C TYR D 96 -9.68 -5.88 -24.55
N ALA D 97 -9.42 -5.72 -23.26
CA ALA D 97 -10.16 -4.80 -22.41
C ALA D 97 -9.87 -3.35 -22.79
N HIS D 98 -10.84 -2.47 -22.59
CA HIS D 98 -10.70 -1.07 -22.95
C HIS D 98 -9.66 -0.37 -22.08
N GLU D 99 -9.08 0.70 -22.61
CA GLU D 99 -7.98 1.40 -21.95
C GLU D 99 -8.47 2.19 -20.73
N GLN D 100 -9.71 2.66 -20.77
CA GLN D 100 -10.29 3.42 -19.67
C GLN D 100 -10.58 2.52 -18.48
N LEU D 101 -10.82 1.24 -18.76
CA LEU D 101 -11.36 0.32 -17.77
C LEU D 101 -10.34 -0.10 -16.71
N TRP D 102 -9.06 0.08 -17.00
CA TRP D 102 -8.00 -0.41 -16.11
C TRP D 102 -7.91 0.34 -14.78
N ARG D 103 -8.21 1.63 -14.80
CA ARG D 103 -8.05 2.45 -13.60
C ARG D 103 -9.31 2.47 -12.73
N PHE D 104 -10.26 1.59 -13.04
CA PHE D 104 -11.51 1.51 -12.28
C PHE D 104 -11.67 0.17 -11.59
N LEU D 105 -10.68 -0.70 -11.74
CA LEU D 105 -10.76 -2.07 -11.24
C LEU D 105 -10.24 -2.26 -9.81
N ASP D 106 -9.29 -1.42 -9.41
CA ASP D 106 -8.65 -1.55 -8.11
C ASP D 106 -9.58 -1.02 -7.03
N ALA D 107 -9.70 0.30 -6.96
CA ALA D 107 -10.50 0.94 -5.92
C ALA D 107 -11.72 1.63 -6.51
N PRO D 108 -12.79 1.80 -5.71
CA PRO D 108 -13.98 2.52 -6.16
C PRO D 108 -13.66 3.98 -6.53
N VAL D 109 -13.94 4.36 -7.77
CA VAL D 109 -13.63 5.71 -8.24
C VAL D 109 -14.88 6.58 -8.26
N VAL D 110 -14.78 7.77 -7.67
CA VAL D 110 -15.86 8.74 -7.72
C VAL D 110 -15.41 10.01 -8.41
N ALA D 111 -16.10 10.36 -9.49
CA ALA D 111 -15.77 11.57 -10.26
C ALA D 111 -16.20 12.84 -9.52
N ASP D 112 -15.36 13.87 -9.61
CA ASP D 112 -15.64 15.13 -8.93
C ASP D 112 -16.27 16.14 -9.88
N ALA D 113 -16.02 15.97 -11.18
CA ALA D 113 -16.56 16.87 -12.19
C ALA D 113 -16.57 16.21 -13.56
N TRP D 114 -17.36 16.77 -14.48
CA TRP D 114 -17.44 16.24 -15.83
C TRP D 114 -16.77 17.19 -16.82
N GLU D 119 -23.14 15.90 -20.26
CA GLU D 119 -24.47 16.08 -20.84
C GLU D 119 -25.44 15.03 -20.29
N SER D 120 -25.47 13.86 -20.91
CA SER D 120 -26.32 12.77 -20.42
C SER D 120 -25.52 11.78 -19.59
N VAL D 121 -26.23 10.95 -18.83
CA VAL D 121 -25.57 9.97 -17.98
C VAL D 121 -26.47 8.75 -17.77
N ILE D 122 -25.87 7.56 -17.82
CA ILE D 122 -26.58 6.34 -17.48
C ILE D 122 -25.96 5.66 -16.27
N ILE D 123 -26.80 5.05 -15.44
CA ILE D 123 -26.31 4.29 -14.29
C ILE D 123 -26.69 2.83 -14.45
N VAL D 124 -25.70 1.96 -14.29
CA VAL D 124 -25.93 0.52 -14.46
C VAL D 124 -25.67 -0.23 -13.17
N GLU D 125 -26.68 -0.93 -12.67
CA GLU D 125 -26.54 -1.71 -11.45
C GLU D 125 -26.65 -3.20 -11.76
N THR D 126 -25.58 -3.94 -11.48
CA THR D 126 -25.53 -5.36 -11.80
C THR D 126 -25.44 -6.22 -10.52
N ALA D 127 -25.83 -7.48 -10.65
CA ALA D 127 -25.80 -8.41 -9.52
C ALA D 127 -24.38 -8.88 -9.21
N THR D 128 -23.54 -8.92 -10.24
CA THR D 128 -22.18 -9.40 -10.07
C THR D 128 -21.15 -8.37 -10.56
N VAL D 129 -19.92 -8.53 -10.10
CA VAL D 129 -18.82 -7.66 -10.50
C VAL D 129 -18.47 -7.87 -11.98
N CYS D 130 -18.42 -9.13 -12.39
CA CYS D 130 -18.08 -9.48 -13.77
C CYS D 130 -19.07 -8.90 -14.77
N ALA D 131 -20.35 -8.87 -14.40
CA ALA D 131 -21.38 -8.32 -15.28
C ALA D 131 -21.14 -6.84 -15.53
N ALA D 132 -20.73 -6.13 -14.49
CA ALA D 132 -20.45 -4.70 -14.60
C ALA D 132 -19.26 -4.45 -15.51
N ILE D 133 -18.17 -5.17 -15.26
CA ILE D 133 -16.96 -5.03 -16.05
C ILE D 133 -17.21 -5.39 -17.52
N ASP D 134 -18.01 -6.45 -17.73
CA ASP D 134 -18.29 -6.92 -19.08
C ASP D 134 -19.18 -5.96 -19.85
N SER D 135 -20.15 -5.35 -19.16
CA SER D 135 -21.07 -4.43 -19.81
C SER D 135 -20.45 -3.04 -19.98
N ALA D 136 -19.61 -2.65 -19.03
CA ALA D 136 -18.90 -1.38 -19.15
C ALA D 136 -17.90 -1.47 -20.29
N ASP D 137 -17.35 -2.67 -20.48
CA ASP D 137 -16.40 -2.91 -21.56
C ASP D 137 -17.08 -2.81 -22.92
N ALA D 138 -18.22 -3.48 -23.06
CA ALA D 138 -18.97 -3.50 -24.31
C ALA D 138 -19.53 -2.12 -24.65
N ALA D 139 -19.98 -1.40 -23.64
CA ALA D 139 -20.54 -0.06 -23.84
C ALA D 139 -19.48 0.93 -24.30
N LEU D 140 -18.29 0.84 -23.74
CA LEU D 140 -17.18 1.72 -24.10
C LEU D 140 -16.71 1.48 -25.54
N LYS D 141 -16.95 0.28 -26.04
CA LYS D 141 -16.50 -0.09 -27.38
C LYS D 141 -17.54 0.24 -28.46
N THR D 142 -18.78 0.42 -28.04
CA THR D 142 -19.88 0.62 -28.98
C THR D 142 -20.22 2.10 -29.16
N ALA D 143 -19.97 2.90 -28.13
CA ALA D 143 -20.27 4.33 -28.18
C ALA D 143 -19.18 5.16 -27.53
N PRO D 144 -18.92 6.35 -28.09
CA PRO D 144 -17.93 7.28 -27.52
C PRO D 144 -18.39 7.87 -26.19
N VAL D 145 -18.48 7.03 -25.17
CA VAL D 145 -18.90 7.46 -23.85
C VAL D 145 -17.73 7.41 -22.87
N VAL D 146 -17.79 8.24 -21.83
CA VAL D 146 -16.71 8.31 -20.85
C VAL D 146 -17.12 7.70 -19.52
N LEU D 147 -16.32 6.75 -19.04
CA LEU D 147 -16.54 6.12 -17.75
C LEU D 147 -16.17 7.07 -16.62
N ARG D 148 -17.09 7.28 -15.68
CA ARG D 148 -16.90 8.24 -14.60
C ARG D 148 -16.75 7.59 -13.23
N ASP D 149 -17.72 6.76 -12.86
CA ASP D 149 -17.75 6.16 -11.53
C ASP D 149 -17.88 4.65 -11.60
N MET D 150 -17.44 3.98 -10.55
CA MET D 150 -17.52 2.52 -10.46
C MET D 150 -17.24 2.04 -9.04
N ARG D 151 -18.01 1.07 -8.58
CA ARG D 151 -17.84 0.51 -7.24
C ARG D 151 -18.16 -0.98 -7.26
N LEU D 152 -17.15 -1.81 -7.02
CA LEU D 152 -17.28 -3.25 -7.15
C LEU D 152 -17.39 -3.96 -5.80
N ALA D 153 -18.59 -4.48 -5.52
CA ALA D 153 -18.84 -5.35 -4.37
C ALA D 153 -18.67 -4.67 -3.01
N ILE D 154 -17.55 -3.99 -2.82
CA ILE D 154 -17.22 -3.40 -1.52
C ILE D 154 -18.23 -2.34 -1.08
N GLY D 155 -18.80 -2.52 0.11
CA GLY D 155 -19.73 -1.57 0.68
C GLY D 155 -21.15 -1.70 0.19
N ILE D 156 -21.38 -2.50 -0.84
CA ILE D 156 -22.72 -2.64 -1.41
C ILE D 156 -23.17 -4.09 -1.52
N ALA D 157 -22.81 -4.90 -0.51
CA ALA D 157 -23.28 -6.27 -0.37
C ALA D 157 -22.97 -7.17 -1.55
N GLY D 158 -21.90 -6.87 -2.29
CA GLY D 158 -21.45 -7.74 -3.35
C GLY D 158 -21.89 -7.39 -4.76
N LYS D 159 -22.82 -6.45 -4.88
CA LYS D 159 -23.27 -6.01 -6.20
C LYS D 159 -22.30 -4.98 -6.75
N ALA D 160 -22.58 -4.46 -7.94
CA ALA D 160 -21.67 -3.51 -8.58
C ALA D 160 -22.42 -2.50 -9.43
N PHE D 161 -21.86 -1.30 -9.54
CA PHE D 161 -22.44 -0.29 -10.41
C PHE D 161 -21.39 0.62 -11.04
N PHE D 162 -21.77 1.28 -12.13
CA PHE D 162 -20.93 2.28 -12.77
C PHE D 162 -21.78 3.32 -13.48
N THR D 163 -21.14 4.40 -13.93
CA THR D 163 -21.84 5.45 -14.66
C THR D 163 -21.10 5.82 -15.94
N LEU D 164 -21.87 6.15 -16.98
CA LEU D 164 -21.30 6.57 -18.25
C LEU D 164 -21.88 7.91 -18.70
N THR D 165 -21.02 8.81 -19.15
CA THR D 165 -21.46 10.11 -19.66
C THR D 165 -21.18 10.24 -21.16
N GLY D 166 -21.84 11.22 -21.77
CA GLY D 166 -21.71 11.45 -23.20
C GLY D 166 -22.98 12.06 -23.75
N GLU D 167 -23.06 12.18 -25.07
CA GLU D 167 -24.25 12.72 -25.72
C GLU D 167 -25.43 11.77 -25.51
N LEU D 168 -26.64 12.30 -25.62
CA LEU D 168 -27.86 11.53 -25.34
C LEU D 168 -28.01 10.36 -26.30
N ALA D 169 -27.69 10.58 -27.57
CA ALA D 169 -27.77 9.53 -28.56
C ALA D 169 -26.75 8.43 -28.27
N ASP D 170 -25.61 8.82 -27.72
CA ASP D 170 -24.52 7.88 -27.44
C ASP D 170 -24.74 7.11 -26.14
N VAL D 171 -25.56 7.63 -25.23
CA VAL D 171 -25.90 6.90 -24.02
C VAL D 171 -27.15 6.06 -24.24
N GLU D 172 -27.85 6.35 -25.34
CA GLU D 172 -29.07 5.64 -25.70
C GLU D 172 -28.76 4.22 -26.17
N ALA D 173 -27.92 4.10 -27.20
CA ALA D 173 -27.58 2.80 -27.77
C ALA D 173 -26.63 2.03 -26.85
N ALA D 174 -25.86 2.76 -26.04
CA ALA D 174 -24.94 2.14 -25.09
C ALA D 174 -25.72 1.38 -24.02
N ALA D 175 -26.89 1.89 -23.69
CA ALA D 175 -27.77 1.24 -22.71
C ALA D 175 -28.31 -0.06 -23.28
N GLU D 176 -28.48 -0.09 -24.60
CA GLU D 176 -28.99 -1.28 -25.28
C GLU D 176 -27.94 -2.38 -25.32
N VAL D 177 -26.68 -1.97 -25.40
CA VAL D 177 -25.56 -2.93 -25.40
C VAL D 177 -25.39 -3.56 -24.03
N VAL D 178 -25.41 -2.71 -23.01
CA VAL D 178 -25.30 -3.16 -21.62
C VAL D 178 -26.43 -4.11 -21.25
N ARG D 179 -27.65 -3.75 -21.68
CA ARG D 179 -28.84 -4.50 -21.33
C ARG D 179 -28.81 -5.93 -21.87
N GLU D 180 -28.26 -6.10 -23.08
CA GLU D 180 -28.21 -7.42 -23.71
C GLU D 180 -26.95 -8.17 -23.30
N ARG D 181 -25.99 -7.45 -22.74
CA ARG D 181 -24.75 -8.07 -22.25
C ARG D 181 -24.95 -8.57 -20.82
N CYS D 182 -25.69 -7.80 -20.02
CA CYS D 182 -25.98 -8.19 -18.64
C CYS D 182 -27.06 -9.25 -18.57
N GLY D 183 -28.11 -9.07 -19.36
CA GLY D 183 -29.22 -10.00 -19.38
C GLY D 183 -29.99 -10.01 -18.08
N ALA D 184 -29.88 -11.12 -17.35
CA ALA D 184 -30.58 -11.28 -16.09
C ALA D 184 -29.74 -10.78 -14.92
N ARG D 185 -28.47 -10.46 -15.20
CA ARG D 185 -27.56 -9.97 -14.17
C ARG D 185 -27.78 -8.48 -13.91
N LEU D 186 -28.42 -7.80 -14.86
CA LEU D 186 -28.77 -6.40 -14.70
C LEU D 186 -29.90 -6.25 -13.68
N LEU D 187 -29.68 -5.41 -12.68
CA LEU D 187 -30.69 -5.14 -11.67
C LEU D 187 -31.57 -3.97 -12.09
N GLU D 188 -30.97 -2.79 -12.21
CA GLU D 188 -31.67 -1.61 -12.71
C GLU D 188 -30.76 -0.78 -13.61
N LEU D 189 -31.36 -0.12 -14.61
CA LEU D 189 -30.64 0.79 -15.48
C LEU D 189 -31.36 2.13 -15.55
N ALA D 190 -30.67 3.19 -15.16
CA ALA D 190 -31.27 4.52 -15.15
C ALA D 190 -30.64 5.40 -16.22
N CYS D 191 -31.49 6.09 -16.99
CA CYS D 191 -31.03 7.01 -18.01
C CYS D 191 -31.55 8.42 -17.76
N ILE D 192 -30.65 9.33 -17.41
CA ILE D 192 -31.02 10.73 -17.19
C ILE D 192 -30.51 11.59 -18.34
N ALA D 193 -31.44 12.09 -19.15
CA ALA D 193 -31.10 12.87 -20.34
C ALA D 193 -30.55 14.26 -19.97
N ARG D 194 -31.08 14.82 -18.89
CA ARG D 194 -30.67 16.15 -18.45
C ARG D 194 -30.74 16.30 -16.94
N PRO D 195 -29.63 16.00 -16.25
CA PRO D 195 -29.57 16.09 -14.79
C PRO D 195 -29.50 17.54 -14.29
N VAL D 196 -29.99 17.79 -13.09
CA VAL D 196 -29.96 19.13 -12.51
C VAL D 196 -28.51 19.59 -12.29
N ASP D 197 -28.35 20.90 -12.10
CA ASP D 197 -27.02 21.48 -11.92
C ASP D 197 -26.37 21.01 -10.63
N GLU D 198 -27.18 20.61 -9.65
CA GLU D 198 -26.67 20.16 -8.36
C GLU D 198 -26.00 18.78 -8.45
N LEU D 199 -26.40 17.99 -9.43
CA LEU D 199 -25.90 16.61 -9.54
C LEU D 199 -24.85 16.45 -10.62
N ARG D 200 -24.80 17.39 -11.57
CA ARG D 200 -23.83 17.34 -12.66
C ARG D 200 -22.40 17.39 -12.14
N GLY D 201 -21.64 16.34 -12.42
CA GLY D 201 -20.26 16.28 -12.00
C GLY D 201 -20.04 15.37 -10.82
N ARG D 202 -20.95 15.42 -9.86
CA ARG D 202 -20.85 14.61 -8.65
C ARG D 202 -22.16 13.96 -8.28
N LEU D 203 -22.24 12.64 -8.45
CA LEU D 203 -23.46 11.89 -8.16
C LEU D 203 -23.43 11.29 -6.76
N PHE D 204 -22.24 11.19 -6.18
CA PHE D 204 -22.08 10.63 -4.85
C PHE D 204 -21.21 11.52 -3.99
N PHE D 205 -21.71 11.86 -2.80
CA PHE D 205 -21.03 12.80 -1.91
C PHE D 205 -21.51 12.66 -0.47
N GLU E 6 36.36 5.34 12.76
CA GLU E 6 37.23 5.06 13.90
C GLU E 6 36.64 4.07 14.91
N ARG E 7 35.33 3.89 14.87
CA ARG E 7 34.63 2.98 15.77
C ARG E 7 34.53 1.60 15.13
N PHE E 8 35.05 1.48 13.91
CA PHE E 8 35.05 0.21 13.19
C PHE E 8 36.41 -0.47 13.24
N ASP E 9 37.34 0.13 13.98
CA ASP E 9 38.70 -0.41 14.10
C ASP E 9 38.69 -1.79 14.76
N ALA E 10 39.50 -2.69 14.22
CA ALA E 10 39.63 -4.03 14.79
C ALA E 10 40.36 -3.98 16.12
N THR E 11 41.20 -2.96 16.28
CA THR E 11 41.97 -2.79 17.51
C THR E 11 41.78 -1.39 18.10
N PRO E 12 41.19 -1.32 19.30
CA PRO E 12 41.00 -0.05 20.00
C PRO E 12 42.29 0.47 20.61
N PRO E 13 42.46 1.81 20.66
CA PRO E 13 43.63 2.44 21.27
C PRO E 13 43.75 2.13 22.76
N GLU E 16 39.43 2.50 24.16
CA GLU E 16 40.34 1.60 24.86
C GLU E 16 39.71 0.26 25.29
N PRO E 17 38.43 0.26 25.74
CA PRO E 17 37.83 -1.05 26.02
C PRO E 17 37.76 -1.94 24.78
N ASP E 18 37.91 -3.25 24.98
CA ASP E 18 37.88 -4.21 23.88
C ASP E 18 36.45 -4.66 23.57
N ARG E 19 36.09 -4.57 22.29
CA ARG E 19 34.75 -4.95 21.85
C ARG E 19 34.83 -5.94 20.69
N PRO E 20 35.01 -7.23 21.00
CA PRO E 20 35.19 -8.27 19.98
C PRO E 20 33.90 -8.79 19.38
N ALA E 21 32.78 -8.65 20.10
CA ALA E 21 31.51 -9.21 19.64
C ALA E 21 30.82 -8.30 18.62
N LEU E 22 30.18 -8.91 17.63
CA LEU E 22 29.49 -8.17 16.58
C LEU E 22 28.03 -8.60 16.43
N GLY E 23 27.11 -7.69 16.70
CA GLY E 23 25.69 -7.94 16.54
C GLY E 23 25.14 -7.25 15.31
N VAL E 24 24.44 -8.01 14.48
CA VAL E 24 23.87 -7.47 13.24
C VAL E 24 22.35 -7.67 13.21
N LEU E 25 21.64 -6.62 12.82
CA LEU E 25 20.18 -6.69 12.71
C LEU E 25 19.71 -6.13 11.36
N GLU E 26 19.00 -6.96 10.61
CA GLU E 26 18.48 -6.56 9.31
C GLU E 26 16.96 -6.53 9.32
N LEU E 27 16.38 -5.35 9.15
CA LEU E 27 14.94 -5.16 9.28
C LEU E 27 14.31 -4.56 8.02
N THR E 28 13.00 -4.79 7.85
CA THR E 28 12.29 -4.30 6.68
C THR E 28 11.61 -2.96 6.95
N SER E 29 11.47 -2.61 8.22
CA SER E 29 10.87 -1.34 8.60
C SER E 29 11.92 -0.40 9.18
N ILE E 30 12.08 0.76 8.54
CA ILE E 30 13.01 1.77 9.03
C ILE E 30 12.52 2.33 10.35
N ALA E 31 11.20 2.53 10.45
CA ALA E 31 10.59 3.04 11.67
C ALA E 31 10.80 2.09 12.83
N ARG E 32 10.30 0.86 12.68
CA ARG E 32 10.46 -0.16 13.70
C ARG E 32 11.94 -0.47 13.94
N GLY E 33 12.74 -0.36 12.89
CA GLY E 33 14.18 -0.56 12.99
C GLY E 33 14.82 0.35 14.03
N ILE E 34 14.31 1.59 14.10
CA ILE E 34 14.77 2.53 15.11
C ILE E 34 14.27 2.12 16.50
N THR E 35 13.05 1.61 16.55
CA THR E 35 12.48 1.12 17.80
C THR E 35 13.34 -0.01 18.36
N VAL E 36 13.81 -0.88 17.47
CA VAL E 36 14.66 -2.00 17.85
C VAL E 36 15.97 -1.51 18.49
N ALA E 37 16.54 -0.46 17.90
CA ALA E 37 17.79 0.11 18.39
C ALA E 37 17.65 0.67 19.80
N ASP E 38 16.48 1.23 20.11
CA ASP E 38 16.24 1.83 21.42
C ASP E 38 16.24 0.78 22.52
N ALA E 39 15.44 -0.27 22.33
CA ALA E 39 15.32 -1.33 23.32
C ALA E 39 16.63 -2.09 23.49
N ALA E 40 17.39 -2.21 22.40
CA ALA E 40 18.66 -2.91 22.43
C ALA E 40 19.67 -2.21 23.35
N LEU E 41 19.83 -0.91 23.14
CA LEU E 41 20.78 -0.13 23.93
C LEU E 41 20.25 0.19 25.32
N LYS E 42 19.02 -0.24 25.58
CA LYS E 42 18.39 0.00 26.88
C LYS E 42 18.77 -1.07 27.90
N ARG E 43 18.79 -2.32 27.48
CA ARG E 43 19.05 -3.43 28.40
C ARG E 43 20.53 -3.68 28.59
N ALA E 44 21.35 -3.22 27.64
CA ALA E 44 22.79 -3.40 27.72
C ALA E 44 23.52 -2.24 27.02
N PRO E 45 24.67 -1.83 27.58
CA PRO E 45 25.45 -0.71 27.03
C PRO E 45 26.33 -1.12 25.85
N SER E 46 25.70 -1.57 24.76
CA SER E 46 26.44 -1.89 23.55
C SER E 46 26.77 -0.62 22.78
N LEU E 47 27.70 -0.73 21.83
CA LEU E 47 28.09 0.41 21.00
C LEU E 47 27.50 0.26 19.60
N LEU E 48 26.47 1.04 19.31
CA LEU E 48 25.80 0.98 18.01
C LEU E 48 26.72 1.48 16.91
N LEU E 49 27.13 0.57 16.03
CA LEU E 49 28.07 0.90 14.96
C LEU E 49 27.41 1.74 13.87
N MET E 50 26.21 1.34 13.45
CA MET E 50 25.49 2.09 12.42
C MET E 50 23.98 1.86 12.45
N SER E 51 23.25 2.90 12.07
CA SER E 51 21.81 2.83 11.91
C SER E 51 21.48 3.29 10.49
N ARG E 52 21.43 2.33 9.57
CA ARG E 52 21.50 2.66 8.15
C ARG E 52 20.27 2.23 7.34
N PRO E 53 19.47 3.21 6.89
CA PRO E 53 18.47 2.90 5.87
C PRO E 53 19.17 2.55 4.56
N VAL E 54 18.82 1.40 3.99
CA VAL E 54 19.45 0.84 2.80
C VAL E 54 18.55 0.49 1.63
N SER E 55 19.17 0.17 0.50
CA SER E 55 18.47 -0.17 -0.76
C SER E 55 17.35 -1.18 -0.75
N SER E 56 16.24 -0.81 -1.33
CA SER E 56 15.04 -1.61 -1.37
C SER E 56 14.20 -1.33 -0.11
N GLY E 57 14.62 -0.35 0.64
CA GLY E 57 13.92 0.08 1.81
C GLY E 57 14.16 -0.62 3.12
N LYS E 58 15.17 -1.48 3.14
CA LYS E 58 15.50 -2.20 4.36
C LYS E 58 16.29 -1.34 5.34
N HIS E 59 16.20 -1.69 6.63
CA HIS E 59 16.98 -1.01 7.65
C HIS E 59 18.02 -1.96 8.23
N LEU E 60 19.20 -1.42 8.54
CA LEU E 60 20.31 -2.26 8.98
C LEU E 60 20.93 -1.75 10.27
N LEU E 61 21.02 -2.62 11.26
CA LEU E 61 21.64 -2.28 12.54
C LEU E 61 22.89 -3.09 12.82
N MET E 62 23.97 -2.42 13.16
CA MET E 62 25.21 -3.07 13.57
C MET E 62 25.64 -2.55 14.94
N MET E 63 25.95 -3.47 15.84
CA MET E 63 26.39 -3.07 17.18
C MET E 63 27.68 -3.78 17.57
N ARG E 64 28.36 -3.23 18.56
CA ARG E 64 29.64 -3.76 18.99
C ARG E 64 29.79 -3.65 20.51
N GLY E 65 30.52 -4.59 21.10
CA GLY E 65 30.74 -4.60 22.53
C GLY E 65 31.30 -5.93 23.01
N GLN E 66 31.24 -6.17 24.31
CA GLN E 66 31.64 -7.46 24.86
C GLN E 66 30.58 -8.50 24.52
N VAL E 67 30.94 -9.78 24.67
CA VAL E 67 30.03 -10.87 24.36
C VAL E 67 28.74 -10.77 25.18
N ALA E 68 28.88 -10.52 26.47
CA ALA E 68 27.74 -10.42 27.37
C ALA E 68 26.86 -9.21 27.01
N GLU E 69 27.49 -8.10 26.70
CA GLU E 69 26.77 -6.86 26.37
C GLU E 69 25.96 -7.00 25.09
N VAL E 70 26.60 -7.50 24.04
CA VAL E 70 25.95 -7.66 22.75
C VAL E 70 24.83 -8.70 22.83
N GLU E 71 25.09 -9.81 23.51
CA GLU E 71 24.13 -10.89 23.64
C GLU E 71 22.83 -10.41 24.28
N GLU E 72 22.95 -9.55 25.30
CA GLU E 72 21.79 -9.00 25.98
C GLU E 72 20.98 -8.06 25.10
N SER E 73 21.69 -7.24 24.32
CA SER E 73 21.04 -6.28 23.43
C SER E 73 20.30 -6.97 22.29
N MET E 74 20.83 -8.12 21.86
CA MET E 74 20.22 -8.87 20.76
C MET E 74 18.93 -9.55 21.18
N ILE E 75 18.90 -10.07 22.41
CA ILE E 75 17.71 -10.71 22.94
C ILE E 75 16.55 -9.71 23.03
N ALA E 76 16.85 -8.52 23.56
CA ALA E 76 15.86 -7.47 23.69
C ALA E 76 15.39 -6.98 22.32
N ALA E 77 16.30 -7.05 21.35
CA ALA E 77 16.00 -6.64 19.99
C ALA E 77 14.98 -7.56 19.34
N ARG E 78 15.17 -8.87 19.54
CA ARG E 78 14.32 -9.87 18.92
C ARG E 78 12.88 -9.82 19.43
N GLU E 79 12.72 -9.59 20.73
CA GLU E 79 11.41 -9.63 21.36
C GLU E 79 10.44 -8.59 20.80
N ILE E 80 10.94 -7.38 20.55
CA ILE E 80 10.09 -6.32 20.02
C ILE E 80 10.13 -6.29 18.49
N ALA E 81 11.00 -7.10 17.90
CA ALA E 81 11.10 -7.19 16.46
C ALA E 81 9.91 -7.91 15.85
N GLY E 82 9.15 -8.60 16.71
CA GLY E 82 7.97 -9.33 16.27
C GLY E 82 6.73 -8.93 17.04
N ALA E 83 6.89 -7.98 17.96
CA ALA E 83 5.79 -7.52 18.80
C ALA E 83 4.70 -6.86 17.96
N GLY E 86 6.12 -8.55 13.00
CA GLY E 86 7.43 -9.08 12.69
C GLY E 86 8.07 -8.39 11.50
N ALA E 87 9.16 -7.68 11.75
CA ALA E 87 9.88 -6.98 10.68
C ALA E 87 11.35 -7.35 10.68
N LEU E 88 11.69 -8.44 11.38
CA LEU E 88 13.06 -8.90 11.48
C LEU E 88 13.41 -9.85 10.34
N LEU E 89 14.24 -9.39 9.41
CA LEU E 89 14.58 -10.17 8.23
C LEU E 89 15.65 -11.21 8.54
N ASP E 90 16.73 -10.77 9.17
CA ASP E 90 17.82 -11.67 9.53
C ASP E 90 18.68 -11.10 10.65
N GLU E 91 19.31 -11.99 11.42
CA GLU E 91 20.15 -11.58 12.54
C GLU E 91 21.51 -12.27 12.49
N LEU E 92 22.51 -11.64 13.08
CA LEU E 92 23.83 -12.24 13.17
C LEU E 92 24.55 -11.82 14.44
N GLU E 93 25.11 -12.80 15.15
CA GLU E 93 25.89 -12.53 16.35
C GLU E 93 27.20 -13.30 16.33
N LEU E 94 28.29 -12.58 16.08
CA LEU E 94 29.63 -13.16 16.07
C LEU E 94 30.41 -12.73 17.30
N PRO E 95 30.50 -13.62 18.30
CA PRO E 95 31.15 -13.32 19.59
C PRO E 95 32.60 -12.90 19.42
N TYR E 96 33.24 -13.39 18.36
CA TYR E 96 34.64 -13.08 18.09
C TYR E 96 34.86 -12.91 16.60
N ALA E 97 34.43 -11.77 16.08
CA ALA E 97 34.53 -11.50 14.64
C ALA E 97 35.99 -11.46 14.19
N HIS E 98 36.24 -11.94 12.97
CA HIS E 98 37.58 -11.96 12.40
C HIS E 98 38.09 -10.53 12.19
N GLU E 99 39.40 -10.35 12.31
CA GLU E 99 40.00 -9.02 12.27
C GLU E 99 39.93 -8.37 10.89
N GLN E 100 39.89 -9.18 9.84
CA GLN E 100 39.82 -8.65 8.48
C GLN E 100 38.41 -8.13 8.16
N LEU E 101 37.45 -8.51 8.99
CA LEU E 101 36.04 -8.25 8.72
C LEU E 101 35.58 -6.85 9.16
N TRP E 102 36.25 -6.30 10.16
CA TRP E 102 35.82 -5.04 10.77
C TRP E 102 35.86 -3.85 9.81
N ARG E 103 36.84 -3.81 8.92
CA ARG E 103 36.98 -2.66 8.03
C ARG E 103 36.09 -2.80 6.79
N PHE E 104 35.34 -3.89 6.70
CA PHE E 104 34.44 -4.11 5.58
C PHE E 104 32.97 -4.02 6.01
N LEU E 105 32.69 -3.22 7.03
CA LEU E 105 31.33 -3.13 7.57
C LEU E 105 30.59 -1.87 7.10
N ASP E 106 31.31 -0.77 6.98
CA ASP E 106 30.68 0.51 6.67
C ASP E 106 30.41 0.87 5.21
N ALA E 107 31.45 1.21 4.47
CA ALA E 107 31.31 1.62 3.07
C ALA E 107 31.67 0.44 2.17
N PRO E 108 31.02 0.34 1.00
CA PRO E 108 31.34 -0.69 0.00
C PRO E 108 32.77 -0.58 -0.50
N VAL E 109 33.60 -1.55 -0.15
CA VAL E 109 35.03 -1.51 -0.49
C VAL E 109 35.34 -2.17 -1.82
N VAL E 110 35.96 -1.41 -2.72
CA VAL E 110 36.45 -1.94 -3.98
C VAL E 110 37.97 -2.02 -3.95
N ALA E 111 38.51 -3.22 -4.19
CA ALA E 111 39.93 -3.48 -4.05
C ALA E 111 40.77 -2.74 -5.08
N ASP E 112 41.97 -2.34 -4.66
CA ASP E 112 42.88 -1.61 -5.52
C ASP E 112 43.66 -2.55 -6.44
N ALA E 113 44.55 -3.36 -5.83
CA ALA E 113 45.35 -4.31 -6.58
C ALA E 113 45.69 -5.53 -5.73
N TRP E 114 45.72 -6.69 -6.37
CA TRP E 114 45.99 -7.96 -5.68
C TRP E 114 47.42 -8.42 -5.93
N GLU E 119 45.60 -13.91 -6.80
CA GLU E 119 45.67 -15.16 -7.55
C GLU E 119 44.29 -15.77 -7.71
N SER E 120 43.96 -16.75 -6.89
CA SER E 120 42.65 -17.39 -6.92
C SER E 120 41.64 -16.57 -6.12
N VAL E 121 40.37 -16.65 -6.51
CA VAL E 121 39.35 -15.85 -5.87
C VAL E 121 37.96 -16.49 -5.94
N ILE E 122 37.17 -16.31 -4.89
CA ILE E 122 35.77 -16.70 -4.90
C ILE E 122 34.87 -15.48 -4.79
N ILE E 123 33.72 -15.53 -5.45
CA ILE E 123 32.76 -14.44 -5.41
C ILE E 123 31.43 -14.95 -4.87
N VAL E 124 31.13 -14.59 -3.62
CA VAL E 124 29.94 -15.07 -2.95
C VAL E 124 28.79 -14.09 -3.06
N GLU E 125 27.69 -14.52 -3.66
CA GLU E 125 26.51 -13.69 -3.81
C GLU E 125 25.39 -14.17 -2.90
N THR E 126 25.06 -13.37 -1.87
CA THR E 126 24.03 -13.75 -0.91
C THR E 126 22.79 -12.87 -1.02
N ALA E 127 21.71 -13.32 -0.40
CA ALA E 127 20.43 -12.61 -0.48
C ALA E 127 20.31 -11.50 0.56
N THR E 128 20.85 -11.73 1.75
CA THR E 128 20.82 -10.73 2.82
C THR E 128 22.21 -10.30 3.25
N VAL E 129 22.27 -9.26 4.07
CA VAL E 129 23.53 -8.72 4.56
C VAL E 129 24.14 -9.62 5.63
N CYS E 130 23.29 -10.14 6.51
CA CYS E 130 23.74 -11.03 7.58
C CYS E 130 24.39 -12.30 7.02
N ALA E 131 23.87 -12.79 5.89
CA ALA E 131 24.41 -13.99 5.25
C ALA E 131 25.85 -13.75 4.79
N ALA E 132 26.11 -12.56 4.28
CA ALA E 132 27.43 -12.21 3.77
C ALA E 132 28.47 -12.13 4.90
N ILE E 133 28.14 -11.39 5.94
CA ILE E 133 29.05 -11.18 7.06
C ILE E 133 29.32 -12.49 7.79
N ASP E 134 28.30 -13.33 7.90
CA ASP E 134 28.44 -14.63 8.57
C ASP E 134 29.27 -15.59 7.72
N SER E 135 29.23 -15.40 6.41
CA SER E 135 29.95 -16.28 5.48
C SER E 135 31.43 -15.88 5.37
N ALA E 136 31.69 -14.58 5.28
CA ALA E 136 33.06 -14.08 5.19
C ALA E 136 33.82 -14.45 6.46
N ASP E 137 33.17 -14.28 7.61
CA ASP E 137 33.78 -14.57 8.89
C ASP E 137 34.15 -16.05 9.04
N ALA E 138 33.22 -16.93 8.70
CA ALA E 138 33.44 -18.37 8.80
C ALA E 138 34.58 -18.82 7.90
N ALA E 139 34.71 -18.17 6.75
CA ALA E 139 35.74 -18.52 5.77
C ALA E 139 37.10 -17.95 6.17
N LEU E 140 37.09 -16.79 6.81
CA LEU E 140 38.33 -16.12 7.19
C LEU E 140 39.07 -16.85 8.31
N LYS E 141 38.35 -17.67 9.07
CA LYS E 141 38.96 -18.38 10.19
C LYS E 141 39.08 -19.87 9.90
N THR E 142 38.80 -20.25 8.66
CA THR E 142 38.94 -21.65 8.24
C THR E 142 40.22 -21.84 7.43
N ALA E 143 40.45 -20.96 6.48
CA ALA E 143 41.64 -21.01 5.64
C ALA E 143 42.33 -19.65 5.60
N PRO E 144 43.65 -19.63 5.37
CA PRO E 144 44.38 -18.37 5.27
C PRO E 144 44.04 -17.61 3.99
N VAL E 145 42.83 -17.07 3.92
CA VAL E 145 42.39 -16.30 2.76
C VAL E 145 42.31 -14.81 3.12
N VAL E 146 42.20 -13.97 2.10
CA VAL E 146 42.15 -12.53 2.32
C VAL E 146 40.88 -11.90 1.75
N LEU E 147 40.15 -11.18 2.59
CA LEU E 147 38.95 -10.47 2.17
C LEU E 147 39.31 -9.20 1.41
N ARG E 148 38.95 -9.15 0.13
CA ARG E 148 39.33 -8.05 -0.74
C ARG E 148 38.21 -7.03 -0.93
N ASP E 149 37.04 -7.51 -1.30
CA ASP E 149 35.89 -6.64 -1.56
C ASP E 149 34.66 -7.06 -0.78
N MET E 150 33.73 -6.12 -0.63
CA MET E 150 32.46 -6.37 0.05
C MET E 150 31.49 -5.21 -0.17
N ARG E 151 30.27 -5.53 -0.56
CA ARG E 151 29.21 -4.54 -0.67
C ARG E 151 27.94 -5.07 -0.02
N LEU E 152 27.35 -4.25 0.84
CA LEU E 152 26.18 -4.69 1.62
C LEU E 152 24.92 -3.92 1.26
N ALA E 153 24.02 -4.58 0.53
CA ALA E 153 22.68 -4.07 0.23
C ALA E 153 22.65 -2.79 -0.61
N ILE E 154 23.39 -1.78 -0.18
CA ILE E 154 23.32 -0.45 -0.83
C ILE E 154 23.66 -0.51 -2.32
N GLY E 155 22.70 -0.08 -3.14
CA GLY E 155 22.88 0.00 -4.57
C GLY E 155 22.58 -1.29 -5.32
N ILE E 156 22.42 -2.39 -4.61
CA ILE E 156 22.20 -3.68 -5.25
C ILE E 156 20.96 -4.40 -4.73
N ALA E 157 19.89 -3.64 -4.52
CA ALA E 157 18.58 -4.18 -4.18
C ALA E 157 18.57 -5.06 -2.94
N GLY E 158 19.41 -4.74 -1.97
CA GLY E 158 19.41 -5.45 -0.71
C GLY E 158 20.30 -6.68 -0.67
N LYS E 159 20.73 -7.13 -1.84
CA LYS E 159 21.61 -8.30 -1.92
C LYS E 159 23.00 -7.96 -1.37
N ALA E 160 23.89 -8.94 -1.36
CA ALA E 160 25.24 -8.70 -0.84
C ALA E 160 26.25 -9.63 -1.50
N PHE E 161 27.48 -9.12 -1.68
CA PHE E 161 28.55 -9.93 -2.22
C PHE E 161 29.89 -9.56 -1.62
N PHE E 162 30.84 -10.50 -1.67
CA PHE E 162 32.20 -10.24 -1.24
C PHE E 162 33.16 -11.15 -1.99
N THR E 163 34.45 -10.84 -1.91
CA THR E 163 35.48 -11.64 -2.58
C THR E 163 36.56 -12.09 -1.61
N LEU E 164 37.04 -13.31 -1.79
CA LEU E 164 38.10 -13.86 -0.96
C LEU E 164 39.24 -14.39 -1.82
N THR E 165 40.45 -13.90 -1.60
CA THR E 165 41.59 -14.34 -2.38
C THR E 165 42.56 -15.19 -1.57
N GLY E 166 43.44 -15.90 -2.27
CA GLY E 166 44.45 -16.73 -1.64
C GLY E 166 44.83 -17.89 -2.52
N GLU E 167 45.52 -18.87 -1.93
CA GLU E 167 45.88 -20.10 -2.64
C GLU E 167 44.63 -20.82 -3.13
N LEU E 168 44.79 -21.66 -4.15
CA LEU E 168 43.66 -22.34 -4.77
C LEU E 168 42.92 -23.22 -3.77
N ALA E 169 43.65 -24.10 -3.10
CA ALA E 169 43.06 -25.05 -2.16
C ALA E 169 42.30 -24.35 -1.03
N ASP E 170 42.82 -23.23 -0.56
CA ASP E 170 42.18 -22.47 0.51
C ASP E 170 40.90 -21.80 0.03
N VAL E 171 40.93 -21.29 -1.19
CA VAL E 171 39.76 -20.69 -1.82
C VAL E 171 38.66 -21.73 -2.01
N GLU E 172 39.05 -22.94 -2.40
CA GLU E 172 38.10 -24.04 -2.54
C GLU E 172 37.53 -24.44 -1.18
N ALA E 173 38.38 -24.48 -0.17
CA ALA E 173 37.97 -24.84 1.18
C ALA E 173 36.97 -23.84 1.74
N ALA E 174 37.26 -22.56 1.53
CA ALA E 174 36.39 -21.49 2.00
C ALA E 174 35.08 -21.48 1.23
N ALA E 175 35.10 -22.03 0.02
CA ALA E 175 33.90 -22.10 -0.82
C ALA E 175 32.86 -23.04 -0.22
N GLU E 176 33.32 -24.16 0.33
CA GLU E 176 32.43 -25.15 0.92
C GLU E 176 31.92 -24.68 2.28
N VAL E 177 32.74 -23.90 2.98
CA VAL E 177 32.37 -23.34 4.27
C VAL E 177 31.22 -22.35 4.12
N VAL E 178 31.38 -21.42 3.19
CA VAL E 178 30.34 -20.44 2.90
C VAL E 178 29.06 -21.12 2.43
N ARG E 179 29.22 -22.14 1.60
CA ARG E 179 28.10 -22.87 1.02
C ARG E 179 27.25 -23.56 2.09
N GLU E 180 27.86 -23.83 3.24
CA GLU E 180 27.18 -24.57 4.31
C GLU E 180 26.39 -23.68 5.25
N ARG E 181 27.03 -22.62 5.75
CA ARG E 181 26.42 -21.78 6.77
C ARG E 181 25.47 -20.74 6.16
N CYS E 182 25.60 -20.51 4.86
CA CYS E 182 24.65 -19.64 4.16
C CYS E 182 23.31 -20.34 3.96
N GLY E 183 23.35 -21.50 3.34
CA GLY E 183 22.15 -22.28 3.09
C GLY E 183 21.35 -21.74 1.92
N ALA E 184 20.07 -21.48 2.15
CA ALA E 184 19.19 -20.96 1.12
C ALA E 184 19.33 -19.46 0.96
N ARG E 185 20.29 -18.88 1.68
CA ARG E 185 20.56 -17.45 1.60
C ARG E 185 21.60 -17.18 0.51
N LEU E 186 22.22 -18.24 0.02
CA LEU E 186 23.21 -18.13 -1.03
C LEU E 186 22.56 -18.16 -2.42
N LEU E 187 22.87 -17.15 -3.23
CA LEU E 187 22.36 -17.09 -4.59
C LEU E 187 23.31 -17.81 -5.55
N GLU E 188 24.58 -17.44 -5.52
CA GLU E 188 25.59 -18.07 -6.37
C GLU E 188 26.99 -17.86 -5.82
N LEU E 189 27.82 -18.89 -5.91
CA LEU E 189 29.21 -18.81 -5.53
C LEU E 189 30.09 -19.09 -6.75
N ALA E 190 30.87 -18.09 -7.16
CA ALA E 190 31.72 -18.24 -8.33
C ALA E 190 33.18 -18.42 -7.93
N CYS E 191 33.80 -19.50 -8.40
CA CYS E 191 35.18 -19.80 -8.04
C CYS E 191 36.08 -19.78 -9.27
N ILE E 192 37.02 -18.85 -9.29
CA ILE E 192 37.96 -18.73 -10.40
C ILE E 192 39.38 -19.02 -9.93
N ALA E 193 40.01 -20.01 -10.55
CA ALA E 193 41.36 -20.43 -10.19
C ALA E 193 42.39 -19.34 -10.48
N ARG E 194 42.32 -18.78 -11.68
CA ARG E 194 43.20 -17.67 -12.07
C ARG E 194 42.54 -16.81 -13.13
N PRO E 195 41.97 -15.68 -12.71
CA PRO E 195 41.34 -14.73 -13.64
C PRO E 195 42.35 -14.04 -14.54
N VAL E 196 41.86 -13.43 -15.62
CA VAL E 196 42.71 -12.72 -16.55
C VAL E 196 43.40 -11.51 -15.90
N ASP E 197 44.39 -10.96 -16.58
CA ASP E 197 45.13 -9.81 -16.05
C ASP E 197 44.28 -8.55 -15.99
N GLU E 198 43.22 -8.52 -16.79
CA GLU E 198 42.32 -7.37 -16.82
C GLU E 198 41.25 -7.53 -15.73
N LEU E 199 41.38 -8.59 -14.95
CA LEU E 199 40.48 -8.86 -13.82
C LEU E 199 41.25 -8.94 -12.52
N ARG E 200 42.52 -9.35 -12.61
CA ARG E 200 43.37 -9.47 -11.43
C ARG E 200 43.68 -8.10 -10.85
N GLY E 201 43.23 -7.85 -9.63
CA GLY E 201 43.43 -6.57 -8.99
C GLY E 201 42.13 -5.83 -8.80
N ARG E 202 41.60 -5.27 -9.88
CA ARG E 202 40.33 -4.56 -9.81
C ARG E 202 39.23 -5.38 -10.47
N LEU E 203 38.44 -6.06 -9.65
CA LEU E 203 37.39 -6.94 -10.14
C LEU E 203 36.16 -6.14 -10.58
N PHE E 204 35.96 -4.99 -9.94
CA PHE E 204 34.81 -4.15 -10.23
C PHE E 204 35.25 -2.73 -10.60
N PHE E 205 34.79 -2.26 -11.76
CA PHE E 205 35.15 -0.94 -12.25
C PHE E 205 34.13 -0.43 -13.27
N GLU F 6 -2.62 -0.98 24.04
CA GLU F 6 -1.70 -1.79 24.82
C GLU F 6 -2.45 -2.79 25.69
N ARG F 7 -3.77 -2.83 25.52
CA ARG F 7 -4.62 -3.72 26.30
C ARG F 7 -4.71 -5.09 25.66
N PHE F 8 -4.31 -5.18 24.40
CA PHE F 8 -4.29 -6.47 23.69
C PHE F 8 -2.91 -7.12 23.78
N ASP F 9 -2.01 -6.48 24.52
CA ASP F 9 -0.66 -6.99 24.68
C ASP F 9 -0.64 -8.36 25.34
N ALA F 10 0.01 -9.32 24.69
CA ALA F 10 0.15 -10.66 25.22
C ALA F 10 0.92 -10.63 26.55
N THR F 11 1.83 -9.69 26.66
CA THR F 11 2.58 -9.51 27.88
C THR F 11 2.33 -8.17 28.52
N PRO F 12 1.72 -8.22 29.67
CA PRO F 12 1.42 -7.00 30.43
C PRO F 12 2.60 -6.54 31.29
N PRO F 13 2.69 -5.23 31.55
CA PRO F 13 3.75 -4.69 32.42
C PRO F 13 3.63 -5.20 33.85
N ALA F 14 4.68 -5.03 34.64
CA ALA F 14 4.64 -5.43 36.05
C ALA F 14 3.64 -4.56 36.81
N GLY F 15 2.97 -5.16 37.77
CA GLY F 15 1.94 -4.46 38.52
C GLY F 15 0.55 -4.85 38.06
N GLU F 16 0.26 -4.57 36.78
CA GLU F 16 -0.99 -5.00 36.18
C GLU F 16 -1.05 -6.52 36.13
N PRO F 17 -2.20 -7.10 36.51
CA PRO F 17 -2.35 -8.55 36.57
C PRO F 17 -2.26 -9.22 35.20
N ASP F 18 -1.58 -10.36 35.13
CA ASP F 18 -1.50 -11.13 33.91
C ASP F 18 -2.88 -11.72 33.60
N ARG F 19 -3.36 -11.48 32.39
CA ARG F 19 -4.70 -11.90 32.01
C ARG F 19 -4.67 -12.86 30.81
N PRO F 20 -4.42 -14.15 31.08
CA PRO F 20 -4.24 -15.16 30.04
C PRO F 20 -5.54 -15.67 29.44
N ALA F 21 -6.63 -15.65 30.22
CA ALA F 21 -7.91 -16.16 29.75
C ALA F 21 -8.61 -15.17 28.81
N LEU F 22 -9.30 -15.70 27.81
CA LEU F 22 -9.99 -14.88 26.82
C LEU F 22 -11.46 -15.28 26.68
N GLY F 23 -12.34 -14.28 26.67
CA GLY F 23 -13.76 -14.52 26.50
C GLY F 23 -14.29 -13.83 25.26
N VAL F 24 -15.06 -14.57 24.46
CA VAL F 24 -15.62 -14.03 23.22
C VAL F 24 -17.12 -14.26 23.14
N LEU F 25 -17.85 -13.22 22.73
CA LEU F 25 -19.30 -13.30 22.61
C LEU F 25 -19.80 -12.77 21.26
N GLU F 26 -20.49 -13.61 20.51
CA GLU F 26 -21.09 -13.19 19.25
C GLU F 26 -22.60 -13.08 19.37
N LEU F 27 -23.11 -11.85 19.22
CA LEU F 27 -24.54 -11.62 19.31
C LEU F 27 -25.12 -11.12 17.99
N THR F 28 -26.30 -11.61 17.63
CA THR F 28 -26.96 -11.22 16.40
C THR F 28 -27.44 -9.77 16.44
N SER F 29 -27.52 -9.22 17.65
CA SER F 29 -28.06 -7.88 17.82
C SER F 29 -27.15 -7.00 18.67
N ILE F 30 -27.15 -5.70 18.38
CA ILE F 30 -26.20 -4.76 18.94
C ILE F 30 -26.59 -4.25 20.32
N ALA F 31 -27.85 -3.85 20.47
CA ALA F 31 -28.34 -3.28 21.73
C ALA F 31 -28.21 -4.27 22.89
N ARG F 32 -28.42 -5.55 22.58
CA ARG F 32 -28.37 -6.60 23.60
C ARG F 32 -26.93 -6.85 24.04
N GLY F 33 -26.00 -6.77 23.09
CA GLY F 33 -24.58 -6.96 23.38
C GLY F 33 -24.06 -5.96 24.38
N ILE F 34 -24.62 -4.76 24.36
CA ILE F 34 -24.27 -3.72 25.32
C ILE F 34 -24.72 -4.16 26.71
N THR F 35 -25.95 -4.67 26.78
CA THR F 35 -26.53 -5.15 28.03
C THR F 35 -25.73 -6.32 28.57
N VAL F 36 -25.35 -7.22 27.68
CA VAL F 36 -24.53 -8.38 28.03
C VAL F 36 -23.19 -7.93 28.63
N ALA F 37 -22.63 -6.86 28.07
CA ALA F 37 -21.37 -6.33 28.54
C ALA F 37 -21.49 -5.74 29.94
N ASP F 38 -22.62 -5.11 30.22
CA ASP F 38 -22.86 -4.50 31.52
C ASP F 38 -22.97 -5.55 32.62
N ALA F 39 -23.82 -6.54 32.40
CA ALA F 39 -24.09 -7.58 33.40
C ALA F 39 -22.82 -8.38 33.72
N ALA F 40 -22.02 -8.64 32.71
CA ALA F 40 -20.80 -9.42 32.88
C ALA F 40 -19.77 -8.67 33.71
N LEU F 41 -19.63 -7.37 33.44
CA LEU F 41 -18.62 -6.55 34.11
C LEU F 41 -18.99 -6.25 35.55
N LYS F 42 -20.24 -6.48 35.92
CA LYS F 42 -20.69 -6.27 37.29
C LYS F 42 -20.50 -7.51 38.15
N ARG F 43 -20.43 -8.67 37.49
CA ARG F 43 -20.27 -9.95 38.17
C ARG F 43 -18.81 -10.19 38.54
N ALA F 44 -17.91 -9.74 37.68
CA ALA F 44 -16.48 -9.89 37.90
C ALA F 44 -15.72 -8.78 37.20
N PRO F 45 -14.60 -8.34 37.80
CA PRO F 45 -13.78 -7.27 37.22
C PRO F 45 -12.97 -7.71 36.01
N SER F 46 -13.63 -8.26 35.00
CA SER F 46 -12.97 -8.65 33.77
C SER F 46 -12.65 -7.41 32.92
N LEU F 47 -11.64 -7.52 32.07
CA LEU F 47 -11.24 -6.42 31.21
C LEU F 47 -11.83 -6.58 29.81
N LEU F 48 -12.86 -5.80 29.52
CA LEU F 48 -13.51 -5.83 28.22
C LEU F 48 -12.57 -5.32 27.12
N LEU F 49 -12.29 -6.16 26.13
CA LEU F 49 -11.34 -5.83 25.08
C LEU F 49 -11.99 -5.02 23.96
N MET F 50 -13.21 -5.38 23.59
CA MET F 50 -13.92 -4.67 22.52
C MET F 50 -15.43 -4.80 22.63
N SER F 51 -16.12 -3.93 21.91
CA SER F 51 -17.57 -3.97 21.81
C SER F 51 -17.94 -3.51 20.40
N ARG F 52 -17.73 -4.40 19.43
CA ARG F 52 -17.78 -4.03 18.02
C ARG F 52 -19.06 -4.45 17.30
N PRO F 53 -19.88 -3.47 16.92
CA PRO F 53 -20.96 -3.75 15.96
C PRO F 53 -20.37 -3.94 14.57
N VAL F 54 -20.21 -5.19 14.13
CA VAL F 54 -19.61 -5.51 12.84
C VAL F 54 -20.54 -5.98 11.72
N SER F 55 -19.94 -6.19 10.56
CA SER F 55 -20.64 -6.61 9.35
C SER F 55 -21.74 -7.64 9.50
N SER F 56 -22.74 -7.54 8.64
CA SER F 56 -23.90 -8.41 8.69
C SER F 56 -24.84 -7.95 9.83
N GLY F 57 -24.37 -6.98 10.59
CA GLY F 57 -25.14 -6.41 11.67
C GLY F 57 -25.13 -7.02 13.04
N LYS F 58 -24.16 -7.90 13.26
CA LYS F 58 -23.95 -8.56 14.55
C LYS F 58 -23.07 -7.72 15.46
N HIS F 59 -23.01 -8.10 16.74
CA HIS F 59 -22.21 -7.38 17.72
C HIS F 59 -21.14 -8.28 18.33
N LEU F 60 -19.93 -7.75 18.45
CA LEU F 60 -18.79 -8.55 18.90
C LEU F 60 -18.32 -8.12 20.29
N LEU F 61 -18.09 -9.10 21.16
CA LEU F 61 -17.64 -8.83 22.52
C LEU F 61 -16.43 -9.69 22.90
N MET F 62 -15.34 -9.03 23.29
CA MET F 62 -14.16 -9.74 23.78
C MET F 62 -13.77 -9.22 25.16
N MET F 63 -13.50 -10.14 26.08
CA MET F 63 -13.07 -9.77 27.42
C MET F 63 -11.76 -10.43 27.77
N ARG F 64 -11.12 -9.95 28.83
CA ARG F 64 -9.82 -10.46 29.23
C ARG F 64 -9.68 -10.46 30.75
N GLY F 65 -9.00 -11.47 31.29
CA GLY F 65 -8.80 -11.56 32.71
C GLY F 65 -8.22 -12.92 33.11
N GLN F 66 -8.28 -13.22 34.41
CA GLN F 66 -7.87 -14.53 34.90
C GLN F 66 -8.96 -15.56 34.60
N VAL F 67 -8.66 -16.82 34.84
CA VAL F 67 -9.59 -17.90 34.53
C VAL F 67 -10.91 -17.74 35.28
N ALA F 68 -10.83 -17.54 36.59
CA ALA F 68 -12.01 -17.41 37.44
C ALA F 68 -12.84 -16.17 37.08
N GLU F 69 -12.16 -15.10 36.68
CA GLU F 69 -12.84 -13.87 36.29
C GLU F 69 -13.64 -14.05 35.01
N VAL F 70 -12.98 -14.54 33.97
CA VAL F 70 -13.63 -14.73 32.67
C VAL F 70 -14.69 -15.81 32.73
N GLU F 71 -14.44 -16.87 33.50
CA GLU F 71 -15.38 -17.97 33.65
C GLU F 71 -16.77 -17.52 34.06
N GLU F 72 -16.84 -16.76 35.15
CA GLU F 72 -18.14 -16.32 35.68
C GLU F 72 -18.67 -15.09 34.96
N SER F 73 -17.78 -14.31 34.36
CA SER F 73 -18.20 -13.17 33.54
C SER F 73 -18.97 -13.67 32.32
N MET F 74 -18.49 -14.77 31.75
CA MET F 74 -19.15 -15.38 30.61
C MET F 74 -20.48 -16.01 31.01
N ILE F 75 -20.52 -16.53 32.23
CA ILE F 75 -21.74 -17.15 32.77
C ILE F 75 -22.87 -16.13 32.82
N ALA F 76 -22.64 -15.03 33.52
CA ALA F 76 -23.64 -13.97 33.64
C ALA F 76 -23.96 -13.36 32.28
N ALA F 77 -23.00 -13.43 31.36
CA ALA F 77 -23.18 -12.89 30.02
C ALA F 77 -24.16 -13.73 29.20
N ARG F 78 -24.15 -15.03 29.43
CA ARG F 78 -24.97 -15.95 28.65
C ARG F 78 -26.46 -15.85 28.97
N GLU F 79 -26.79 -15.69 30.25
CA GLU F 79 -28.19 -15.62 30.67
C GLU F 79 -28.88 -14.37 30.13
N ILE F 80 -28.11 -13.32 29.93
CA ILE F 80 -28.63 -12.08 29.36
C ILE F 80 -28.79 -12.23 27.85
N ALA F 81 -27.82 -12.89 27.22
CA ALA F 81 -27.86 -13.10 25.77
C ALA F 81 -28.77 -14.26 25.40
N GLY F 82 -29.05 -15.13 26.37
CA GLY F 82 -29.89 -16.30 26.14
C GLY F 82 -31.29 -16.15 26.67
N ALA F 83 -31.66 -14.93 27.03
CA ALA F 83 -33.01 -14.64 27.52
C ALA F 83 -34.03 -14.69 26.38
N GLY F 86 -33.38 -15.36 22.29
CA GLY F 86 -31.97 -15.62 22.48
C GLY F 86 -31.12 -15.00 21.39
N ALA F 87 -30.37 -13.96 21.74
CA ALA F 87 -29.55 -13.24 20.77
C ALA F 87 -28.09 -13.65 20.83
N LEU F 88 -27.82 -14.87 21.29
CA LEU F 88 -26.45 -15.36 21.39
C LEU F 88 -26.16 -16.37 20.29
N LEU F 89 -25.30 -15.97 19.35
CA LEU F 89 -24.95 -16.83 18.22
C LEU F 89 -23.92 -17.88 18.61
N ASP F 90 -22.74 -17.43 19.04
CA ASP F 90 -21.65 -18.32 19.37
C ASP F 90 -20.83 -17.78 20.53
N GLU F 91 -20.17 -18.67 21.27
CA GLU F 91 -19.36 -18.26 22.42
C GLU F 91 -18.02 -18.97 22.45
N LEU F 92 -17.06 -18.37 23.15
CA LEU F 92 -15.71 -18.93 23.25
C LEU F 92 -15.09 -18.67 24.62
N GLU F 93 -14.49 -19.71 25.20
CA GLU F 93 -13.78 -19.59 26.47
C GLU F 93 -12.41 -20.27 26.41
N LEU F 94 -11.37 -19.46 26.23
CA LEU F 94 -10.00 -19.99 26.23
C LEU F 94 -9.32 -19.68 27.56
N PRO F 95 -9.16 -20.69 28.42
CA PRO F 95 -8.52 -20.51 29.73
C PRO F 95 -7.08 -20.04 29.58
N TYR F 96 -6.42 -20.49 28.52
CA TYR F 96 -5.02 -20.16 28.28
C TYR F 96 -4.80 -19.85 26.80
N ALA F 97 -5.21 -18.66 26.39
CA ALA F 97 -5.10 -18.24 24.99
C ALA F 97 -3.64 -18.20 24.56
N HIS F 98 -3.38 -18.65 23.33
CA HIS F 98 -2.03 -18.70 22.79
C HIS F 98 -1.45 -17.30 22.65
N GLU F 99 -0.12 -17.21 22.70
CA GLU F 99 0.56 -15.92 22.65
C GLU F 99 0.40 -15.22 21.30
N GLN F 100 0.50 -15.99 20.22
CA GLN F 100 0.43 -15.42 18.87
C GLN F 100 -0.95 -14.87 18.55
N LEU F 101 -1.95 -15.36 19.26
CA LEU F 101 -3.36 -15.05 18.95
C LEU F 101 -3.77 -13.64 19.39
N TRP F 102 -3.05 -13.08 20.36
CA TRP F 102 -3.47 -11.84 21.01
C TRP F 102 -3.49 -10.61 20.10
N ARG F 103 -2.48 -10.46 19.26
CA ARG F 103 -2.36 -9.26 18.43
C ARG F 103 -3.27 -9.28 17.21
N PHE F 104 -4.02 -10.36 17.03
CA PHE F 104 -4.89 -10.49 15.87
C PHE F 104 -6.35 -10.23 16.22
N LEU F 105 -6.62 -9.99 17.51
CA LEU F 105 -7.98 -9.80 17.98
C LEU F 105 -8.54 -8.43 17.62
N ASP F 106 -7.69 -7.40 17.72
CA ASP F 106 -8.11 -6.02 17.55
C ASP F 106 -8.57 -5.70 16.12
N ALA F 107 -7.64 -5.74 15.18
CA ALA F 107 -7.94 -5.34 13.80
C ALA F 107 -7.55 -6.44 12.81
N PRO F 108 -8.16 -6.43 11.61
CA PRO F 108 -7.77 -7.35 10.53
C PRO F 108 -6.30 -7.22 10.16
N VAL F 109 -5.58 -8.33 10.13
CA VAL F 109 -4.14 -8.31 9.90
C VAL F 109 -3.76 -8.96 8.58
N VAL F 110 -2.96 -8.25 7.79
CA VAL F 110 -2.40 -8.81 6.56
C VAL F 110 -0.88 -8.71 6.60
N ALA F 111 -0.21 -9.70 6.03
CA ALA F 111 1.25 -9.71 5.98
C ALA F 111 1.76 -9.52 4.57
N ASP F 112 2.91 -8.87 4.44
CA ASP F 112 3.52 -8.65 3.14
C ASP F 112 5.04 -8.68 3.24
N GLU F 119 7.02 -22.08 4.54
CA GLU F 119 6.67 -21.74 3.16
C GLU F 119 5.43 -22.48 2.70
N SER F 120 4.95 -23.40 3.53
CA SER F 120 3.70 -24.11 3.26
C SER F 120 2.58 -23.43 4.06
N VAL F 121 1.46 -23.18 3.42
CA VAL F 121 0.39 -22.39 4.02
C VAL F 121 -0.94 -23.13 4.02
N ILE F 122 -1.80 -22.79 4.98
CA ILE F 122 -3.13 -23.37 5.08
C ILE F 122 -4.19 -22.26 5.27
N ILE F 123 -5.31 -22.37 4.57
CA ILE F 123 -6.33 -21.33 4.59
C ILE F 123 -7.62 -21.81 5.26
N VAL F 124 -7.96 -21.19 6.38
CA VAL F 124 -9.16 -21.58 7.12
C VAL F 124 -10.19 -20.47 7.10
N GLU F 125 -11.42 -20.79 6.73
CA GLU F 125 -12.52 -19.84 6.83
C GLU F 125 -13.75 -20.47 7.51
N THR F 126 -14.30 -19.77 8.49
CA THR F 126 -15.44 -20.29 9.25
C THR F 126 -16.66 -19.38 9.11
N ALA F 127 -17.79 -19.85 9.61
CA ALA F 127 -19.04 -19.11 9.51
C ALA F 127 -19.16 -18.04 10.60
N THR F 128 -18.48 -18.27 11.72
CA THR F 128 -18.53 -17.32 12.83
C THR F 128 -17.14 -16.87 13.25
N VAL F 129 -17.07 -15.82 14.06
CA VAL F 129 -15.81 -15.29 14.56
C VAL F 129 -15.19 -16.22 15.61
N CYS F 130 -16.01 -16.74 16.50
CA CYS F 130 -15.55 -17.63 17.57
C CYS F 130 -14.81 -18.85 17.03
N ALA F 131 -15.38 -19.49 16.01
CA ALA F 131 -14.80 -20.69 15.42
C ALA F 131 -13.41 -20.41 14.83
N ALA F 132 -13.22 -19.21 14.32
CA ALA F 132 -11.93 -18.81 13.76
C ALA F 132 -10.89 -18.68 14.86
N ILE F 133 -11.25 -18.01 15.95
CA ILE F 133 -10.35 -17.81 17.08
C ILE F 133 -10.08 -19.13 17.81
N ASP F 134 -11.10 -19.97 17.88
CA ASP F 134 -11.01 -21.24 18.59
C ASP F 134 -10.13 -22.24 17.84
N SER F 135 -10.29 -22.32 16.53
CA SER F 135 -9.52 -23.24 15.70
C SER F 135 -8.05 -22.86 15.65
N ALA F 136 -7.78 -21.56 15.54
CA ALA F 136 -6.41 -21.07 15.48
C ALA F 136 -5.68 -21.30 16.80
N ASP F 137 -6.45 -21.38 17.89
CA ASP F 137 -5.88 -21.64 19.20
C ASP F 137 -5.33 -23.06 19.28
N ALA F 138 -6.14 -24.02 18.84
CA ALA F 138 -5.76 -25.42 18.87
C ALA F 138 -4.55 -25.69 17.98
N ALA F 139 -4.58 -25.13 16.78
CA ALA F 139 -3.54 -25.33 15.80
C ALA F 139 -2.20 -24.78 16.28
N LEU F 140 -2.23 -23.59 16.85
CA LEU F 140 -1.02 -22.92 17.34
C LEU F 140 -0.36 -23.71 18.47
N LYS F 141 -1.14 -24.57 19.11
CA LYS F 141 -0.67 -25.35 20.25
C LYS F 141 -0.29 -26.77 19.85
N THR F 142 -0.84 -27.24 18.73
CA THR F 142 -0.53 -28.59 18.25
C THR F 142 0.84 -28.65 17.58
N ALA F 143 1.08 -27.73 16.66
CA ALA F 143 2.34 -27.67 15.92
C ALA F 143 2.92 -26.26 15.94
N PRO F 144 4.26 -26.15 15.89
CA PRO F 144 4.91 -24.84 15.87
C PRO F 144 4.64 -24.06 14.58
N VAL F 145 3.38 -23.66 14.39
CA VAL F 145 3.00 -22.91 13.20
C VAL F 145 2.93 -21.42 13.51
N VAL F 146 2.82 -20.61 12.46
CA VAL F 146 2.81 -19.15 12.62
C VAL F 146 1.54 -18.52 12.04
N LEU F 147 0.88 -17.68 12.83
CA LEU F 147 -0.30 -16.96 12.39
C LEU F 147 0.11 -15.75 11.55
N ARG F 148 -0.41 -15.66 10.34
CA ARG F 148 -0.02 -14.61 9.40
C ARG F 148 -1.15 -13.62 9.13
N ASP F 149 -2.21 -14.11 8.49
CA ASP F 149 -3.34 -13.27 8.14
C ASP F 149 -4.57 -13.64 8.94
N MET F 150 -5.44 -12.66 9.20
CA MET F 150 -6.69 -12.90 9.92
C MET F 150 -7.69 -11.76 9.72
N ARG F 151 -8.96 -12.12 9.54
CA ARG F 151 -10.02 -11.11 9.43
C ARG F 151 -11.28 -11.61 10.12
N LEU F 152 -11.78 -10.81 11.06
CA LEU F 152 -12.94 -11.18 11.84
C LEU F 152 -14.17 -10.35 11.50
N ALA F 153 -15.15 -10.99 10.88
CA ALA F 153 -16.47 -10.41 10.61
C ALA F 153 -16.44 -9.20 9.66
N ILE F 154 -15.72 -8.15 10.04
CA ILE F 154 -15.76 -6.89 9.31
C ILE F 154 -15.23 -7.03 7.87
N GLY F 155 -16.04 -6.58 6.92
CA GLY F 155 -15.64 -6.57 5.53
C GLY F 155 -16.12 -7.77 4.72
N ILE F 156 -16.47 -8.85 5.40
CA ILE F 156 -16.87 -10.08 4.72
C ILE F 156 -18.16 -10.67 5.27
N ALA F 157 -19.13 -9.80 5.57
CA ALA F 157 -20.47 -10.19 5.96
C ALA F 157 -20.50 -11.15 7.16
N GLY F 158 -19.74 -10.83 8.20
CA GLY F 158 -19.78 -11.60 9.44
C GLY F 158 -18.94 -12.85 9.42
N LYS F 159 -18.49 -13.26 8.24
CA LYS F 159 -17.63 -14.43 8.12
C LYS F 159 -16.24 -14.14 8.69
N ALA F 160 -15.43 -15.18 8.85
CA ALA F 160 -14.08 -15.00 9.38
C ALA F 160 -13.10 -15.98 8.74
N PHE F 161 -11.84 -15.56 8.62
CA PHE F 161 -10.81 -16.44 8.09
C PHE F 161 -9.42 -16.11 8.65
N PHE F 162 -8.53 -17.08 8.57
CA PHE F 162 -7.14 -16.87 8.99
C PHE F 162 -6.22 -17.83 8.23
N THR F 163 -4.93 -17.50 8.20
CA THR F 163 -3.95 -18.33 7.52
C THR F 163 -2.75 -18.66 8.41
N LEU F 164 -2.27 -19.90 8.32
CA LEU F 164 -1.10 -20.33 9.07
C LEU F 164 -0.02 -20.83 8.12
N THR F 165 1.24 -20.58 8.47
CA THR F 165 2.36 -21.06 7.67
C THR F 165 3.29 -21.96 8.48
N GLY F 166 4.34 -22.43 7.82
CA GLY F 166 5.29 -23.35 8.44
C GLY F 166 5.57 -24.52 7.52
N GLU F 167 6.13 -25.59 8.07
CA GLU F 167 6.38 -26.80 7.29
C GLU F 167 5.06 -27.47 6.92
N LEU F 168 5.06 -28.19 5.81
CA LEU F 168 3.86 -28.85 5.32
C LEU F 168 3.32 -29.88 6.32
N ALA F 169 4.24 -30.57 6.99
CA ALA F 169 3.87 -31.60 7.96
C ALA F 169 3.16 -30.99 9.17
N ASP F 170 3.44 -29.73 9.46
CA ASP F 170 2.83 -29.05 10.59
C ASP F 170 1.47 -28.47 10.24
N VAL F 171 1.39 -27.77 9.12
CA VAL F 171 0.14 -27.13 8.69
C VAL F 171 -0.92 -28.18 8.35
N GLU F 172 -0.45 -29.36 8.03
CA GLU F 172 -1.24 -30.52 7.68
C GLU F 172 -1.76 -31.16 8.93
N ALA F 173 -0.94 -31.13 9.96
CA ALA F 173 -1.27 -31.60 11.31
C ALA F 173 -2.24 -30.61 11.94
N ALA F 174 -2.02 -29.33 11.66
CA ALA F 174 -2.91 -28.28 12.12
C ALA F 174 -4.24 -28.35 11.38
N ALA F 175 -4.19 -28.79 10.13
CA ALA F 175 -5.40 -28.91 9.32
C ALA F 175 -6.37 -29.91 9.92
N GLU F 176 -5.83 -30.96 10.54
CA GLU F 176 -6.64 -32.01 11.13
C GLU F 176 -7.22 -31.59 12.47
N VAL F 177 -6.52 -30.68 13.16
CA VAL F 177 -6.93 -30.26 14.49
C VAL F 177 -7.89 -29.07 14.42
N VAL F 178 -8.08 -28.53 13.21
CA VAL F 178 -9.02 -27.43 13.00
C VAL F 178 -10.42 -27.98 12.68
N ARG F 179 -10.46 -29.09 11.95
CA ARG F 179 -11.72 -29.65 11.43
C ARG F 179 -12.69 -30.13 12.52
N GLU F 180 -12.20 -30.87 13.50
CA GLU F 180 -13.05 -31.42 14.55
C GLU F 180 -13.51 -30.33 15.53
N ARG F 181 -12.63 -29.40 15.84
CA ARG F 181 -12.97 -28.31 16.75
C ARG F 181 -14.01 -27.38 16.13
N CYS F 182 -13.88 -27.14 14.83
CA CYS F 182 -14.88 -26.36 14.11
C CYS F 182 -16.18 -27.15 13.99
N GLY F 183 -16.06 -28.46 13.81
CA GLY F 183 -17.21 -29.33 13.73
C GLY F 183 -18.01 -29.13 12.46
N ALA F 184 -18.88 -28.13 12.46
CA ALA F 184 -19.68 -27.80 11.28
C ALA F 184 -19.66 -26.30 11.02
N ARG F 185 -18.75 -25.60 11.68
CA ARG F 185 -18.63 -24.16 11.54
C ARG F 185 -17.63 -23.77 10.45
N LEU F 186 -16.78 -24.72 10.06
CA LEU F 186 -15.83 -24.50 8.97
C LEU F 186 -16.57 -24.54 7.63
N LEU F 187 -16.33 -23.53 6.80
CA LEU F 187 -16.97 -23.45 5.50
C LEU F 187 -16.09 -24.10 4.42
N GLU F 188 -14.79 -23.82 4.47
CA GLU F 188 -13.86 -24.37 3.51
C GLU F 188 -12.44 -24.38 4.08
N LEU F 189 -11.71 -25.46 3.83
CA LEU F 189 -10.34 -25.59 4.31
C LEU F 189 -9.40 -25.97 3.18
N ALA F 190 -8.41 -25.12 2.93
CA ALA F 190 -7.47 -25.35 1.84
C ALA F 190 -6.03 -25.35 2.35
N CYS F 191 -5.26 -26.34 1.91
CA CYS F 191 -3.84 -26.44 2.27
C CYS F 191 -2.98 -26.30 1.03
N ILE F 192 -2.23 -25.21 0.96
CA ILE F 192 -1.35 -24.96 -0.17
C ILE F 192 0.11 -25.13 0.22
N ALA F 193 0.67 -26.28 -0.14
CA ALA F 193 2.07 -26.58 0.10
C ALA F 193 2.93 -26.01 -1.02
N ARG F 194 2.27 -25.66 -2.12
CA ARG F 194 2.95 -25.14 -3.30
C ARG F 194 2.45 -23.74 -3.65
N PRO F 195 2.98 -22.72 -2.97
CA PRO F 195 2.58 -21.34 -3.25
C PRO F 195 3.42 -20.72 -4.37
N VAL F 196 2.78 -19.93 -5.22
CA VAL F 196 3.47 -19.30 -6.35
C VAL F 196 4.47 -18.27 -5.85
N ASP F 197 5.44 -17.93 -6.70
CA ASP F 197 6.45 -16.95 -6.36
C ASP F 197 5.83 -15.57 -6.13
N GLU F 198 4.83 -15.23 -6.93
CA GLU F 198 4.16 -13.94 -6.81
C GLU F 198 3.23 -13.88 -5.61
N LEU F 199 2.55 -15.00 -5.34
CA LEU F 199 1.54 -15.03 -4.29
C LEU F 199 2.15 -15.34 -2.92
N ARG F 200 3.44 -15.60 -2.89
CA ARG F 200 4.13 -15.95 -1.65
C ARG F 200 4.22 -14.75 -0.70
N GLY F 201 3.60 -14.87 0.47
CA GLY F 201 3.62 -13.83 1.47
C GLY F 201 2.48 -12.84 1.33
N ARG F 202 1.99 -12.68 0.10
CA ARG F 202 0.92 -11.73 -0.19
C ARG F 202 -0.32 -12.44 -0.72
N LEU F 203 -1.11 -13.00 0.19
CA LEU F 203 -2.30 -13.75 -0.19
C LEU F 203 -3.46 -12.82 -0.54
N PHE F 204 -3.48 -11.65 0.07
CA PHE F 204 -4.56 -10.68 -0.16
C PHE F 204 -4.02 -9.30 -0.50
N PHE F 205 -4.41 -8.78 -1.65
CA PHE F 205 -3.97 -7.45 -2.09
C PHE F 205 -4.86 -6.89 -3.20
#